data_8SW5
#
_entry.id   8SW5
#
_cell.length_a   92.876
_cell.length_b   92.876
_cell.length_c   200.107
_cell.angle_alpha   90.00
_cell.angle_beta   90.00
_cell.angle_gamma   90.00
#
_symmetry.space_group_name_H-M   'P 41 21 2'
#
loop_
_entity.id
_entity.type
_entity.pdbx_description
1 polymer 'Serine/threonine-protein phosphatase PP1-alpha catalytic subunit'
2 polymer 'PP1-specific Phosphatase-Targeting Peptide version 1'
3 non-polymer 'MANGANESE (II) ION'
4 non-polymer 'PHOSPHATE ION'
5 water water
#
loop_
_entity_poly.entity_id
_entity_poly.type
_entity_poly.pdbx_seq_one_letter_code
_entity_poly.pdbx_strand_id
1 'polypeptide(L)'
;GHMGSLNLDSIIGRLLEVQGSRPGKNVQLTENEIRGLCLKSREIFLSQPILLELEAPLKICGDIHGQYYDLLRLFEYGGF
PPESNYLFLGDYVDRGKQSLETICLLLAYKIKYPENFFLLRGNHECASINRIYGFYDECKRRYNIKLWKTFTDCFNCLPI
AAIVDEKIFCCHGGLSPDLQSMEQIRRIMRPTDVPDQGLLCDLLWSDPDKDVQGWGENDRGVSFTFGAEVVAKFLHKHDL
DLICRAHQVVEDGYEFFAKRQLVTLFSAPNYCGEFDNAGAMMSVDETLMCSFQILKPAD
;
A,B
2 'polypeptide(L)' GHMKGILKNRARRERPGKRKTVTWPEEGKLREYFYFELDETERVNVN C,D
#
# COMPACT_ATOMS: atom_id res chain seq x y z
N SER A 5 -26.95 -16.46 17.32
CA SER A 5 -27.50 -17.08 16.12
C SER A 5 -26.38 -17.57 15.20
N LEU A 6 -25.19 -17.77 15.77
CA LEU A 6 -24.02 -18.20 15.03
C LEU A 6 -23.78 -19.69 15.25
N ASN A 7 -23.89 -20.49 14.19
CA ASN A 7 -23.68 -21.94 14.29
C ASN A 7 -22.18 -22.20 14.12
N LEU A 8 -21.44 -21.90 15.18
CA LEU A 8 -19.98 -21.95 15.13
C LEU A 8 -19.48 -23.35 14.83
N ASP A 9 -20.13 -24.38 15.40
CA ASP A 9 -19.67 -25.74 15.18
C ASP A 9 -19.85 -26.18 13.74
N SER A 10 -20.92 -25.72 13.08
CA SER A 10 -21.11 -26.05 11.68
C SER A 10 -20.07 -25.37 10.80
N ILE A 11 -19.76 -24.11 11.10
CA ILE A 11 -18.71 -23.40 10.36
C ILE A 11 -17.38 -24.15 10.48
N ILE A 12 -16.97 -24.45 11.71
CA ILE A 12 -15.69 -25.12 11.93
C ILE A 12 -15.67 -26.48 11.24
N GLY A 13 -16.79 -27.21 11.31
CA GLY A 13 -16.84 -28.53 10.70
C GLY A 13 -16.64 -28.47 9.19
N ARG A 14 -17.30 -27.52 8.52
CA ARG A 14 -17.11 -27.35 7.09
C ARG A 14 -15.71 -26.87 6.76
N LEU A 15 -15.10 -26.07 7.64
CA LEU A 15 -13.73 -25.59 7.41
C LEU A 15 -12.72 -26.73 7.50
N LEU A 16 -12.94 -27.66 8.44
CA LEU A 16 -12.00 -28.74 8.68
C LEU A 16 -12.19 -29.95 7.77
N GLU A 17 -13.31 -30.03 7.05
CA GLU A 17 -13.63 -31.23 6.28
C GLU A 17 -12.77 -31.39 5.02
N VAL A 18 -12.12 -30.32 4.56
CA VAL A 18 -11.33 -30.38 3.33
C VAL A 18 -9.93 -30.91 3.62
N GLN A 19 -9.70 -31.35 4.85
CA GLN A 19 -8.41 -31.91 5.21
C GLN A 19 -8.10 -33.14 4.38
N GLY A 20 -6.91 -33.15 3.77
CA GLY A 20 -6.50 -34.31 2.99
C GLY A 20 -7.12 -34.41 1.62
N SER A 21 -7.57 -33.29 1.05
CA SER A 21 -8.25 -33.30 -0.24
C SER A 21 -7.37 -32.63 -1.28
N ARG A 22 -6.86 -33.44 -2.21
CA ARG A 22 -6.00 -32.98 -3.30
C ARG A 22 -6.86 -32.88 -4.56
N PRO A 23 -6.97 -31.70 -5.21
CA PRO A 23 -6.31 -30.41 -4.98
C PRO A 23 -6.93 -29.55 -3.90
N GLY A 24 -6.46 -28.30 -3.79
CA GLY A 24 -6.85 -27.43 -2.70
C GLY A 24 -8.26 -26.90 -2.83
N LYS A 25 -9.23 -27.69 -2.36
CA LYS A 25 -10.63 -27.30 -2.42
C LYS A 25 -10.90 -26.09 -1.53
N ASN A 26 -11.76 -25.21 -2.00
CA ASN A 26 -12.17 -24.06 -1.22
C ASN A 26 -13.25 -24.46 -0.23
N VAL A 27 -13.37 -23.69 0.84
CA VAL A 27 -14.50 -23.76 1.76
C VAL A 27 -15.23 -22.43 1.64
N GLN A 28 -16.39 -22.45 1.00
CA GLN A 28 -17.16 -21.23 0.74
C GLN A 28 -18.26 -21.12 1.78
N LEU A 29 -17.96 -20.44 2.88
CA LEU A 29 -18.98 -20.14 3.86
C LEU A 29 -19.97 -19.12 3.27
N THR A 30 -21.08 -18.93 3.98
CA THR A 30 -22.02 -17.91 3.54
C THR A 30 -21.55 -16.54 3.98
N GLU A 31 -22.04 -15.52 3.28
CA GLU A 31 -21.73 -14.13 3.62
C GLU A 31 -22.14 -13.81 5.05
N ASN A 32 -23.29 -14.32 5.50
CA ASN A 32 -23.75 -14.02 6.85
C ASN A 32 -22.93 -14.76 7.90
N GLU A 33 -22.49 -15.98 7.61
CA GLU A 33 -21.63 -16.69 8.55
C GLU A 33 -20.31 -15.97 8.76
N ILE A 34 -19.71 -15.45 7.69
CA ILE A 34 -18.45 -14.74 7.81
C ILE A 34 -18.65 -13.42 8.56
N ARG A 35 -19.76 -12.74 8.28
CA ARG A 35 -20.07 -11.51 9.02
C ARG A 35 -20.28 -11.79 10.50
N GLY A 36 -20.88 -12.93 10.84
CA GLY A 36 -21.00 -13.29 12.24
C GLY A 36 -19.65 -13.59 12.88
N LEU A 37 -18.77 -14.29 12.15
CA LEU A 37 -17.42 -14.51 12.65
C LEU A 37 -16.71 -13.20 12.95
N CYS A 38 -16.85 -12.22 12.05
CA CYS A 38 -16.17 -10.93 12.25
C CYS A 38 -16.74 -10.19 13.45
N LEU A 39 -18.07 -10.11 13.55
CA LEU A 39 -18.66 -9.28 14.60
C LEU A 39 -18.52 -9.93 15.98
N LYS A 40 -18.64 -11.26 16.07
CA LYS A 40 -18.50 -11.89 17.38
C LYS A 40 -17.04 -11.86 17.84
N SER A 41 -16.10 -12.16 16.94
CA SER A 41 -14.68 -12.09 17.32
C SER A 41 -14.27 -10.66 17.64
N ARG A 42 -14.86 -9.68 16.93
CA ARG A 42 -14.55 -8.27 17.21
C ARG A 42 -14.90 -7.91 18.65
N GLU A 43 -16.06 -8.38 19.14
CA GLU A 43 -16.44 -8.10 20.52
C GLU A 43 -15.42 -8.68 21.50
N ILE A 44 -14.93 -9.88 21.22
CA ILE A 44 -13.97 -10.53 22.11
C ILE A 44 -12.63 -9.81 22.10
N PHE A 45 -12.22 -9.26 20.95
CA PHE A 45 -10.97 -8.53 20.90
C PHE A 45 -11.06 -7.26 21.76
N LEU A 46 -12.20 -6.57 21.72
CA LEU A 46 -12.34 -5.33 22.47
C LEU A 46 -12.50 -5.57 23.97
N SER A 47 -13.10 -6.70 24.36
CA SER A 47 -13.27 -6.99 25.78
C SER A 47 -11.99 -7.50 26.44
N GLN A 48 -11.07 -8.02 25.66
CA GLN A 48 -9.79 -8.48 26.16
C GLN A 48 -8.74 -7.40 26.00
N PRO A 49 -7.67 -7.43 26.79
CA PRO A 49 -6.67 -6.36 26.72
C PRO A 49 -6.03 -6.25 25.35
N ILE A 50 -5.61 -5.04 25.01
CA ILE A 50 -4.81 -4.84 23.80
C ILE A 50 -3.41 -5.40 23.99
N LEU A 51 -2.97 -5.54 25.24
CA LEU A 51 -1.68 -6.16 25.58
C LEU A 51 -2.00 -7.41 26.39
N LEU A 52 -1.98 -8.56 25.73
CA LEU A 52 -2.43 -9.80 26.35
C LEU A 52 -1.41 -10.32 27.36
N GLU A 53 -1.87 -10.63 28.56
CA GLU A 53 -1.04 -11.28 29.57
C GLU A 53 -1.50 -12.73 29.66
N LEU A 54 -0.68 -13.64 29.14
CA LEU A 54 -1.02 -15.04 28.99
C LEU A 54 -0.19 -15.91 29.92
N GLU A 55 -0.62 -17.16 30.06
CA GLU A 55 0.08 -18.16 30.86
C GLU A 55 0.41 -19.37 30.00
N ALA A 56 1.59 -19.94 30.22
CA ALA A 56 1.95 -21.18 29.58
C ALA A 56 1.08 -22.31 30.14
N PRO A 57 0.97 -23.44 29.41
CA PRO A 57 1.57 -23.79 28.11
C PRO A 57 0.79 -23.28 26.91
N LEU A 58 1.50 -23.00 25.81
CA LEU A 58 0.86 -22.60 24.57
C LEU A 58 1.84 -22.83 23.43
N LYS A 59 1.31 -22.75 22.21
CA LYS A 59 2.10 -22.82 20.99
C LYS A 59 1.94 -21.51 20.23
N ILE A 60 3.05 -20.97 19.75
CA ILE A 60 3.10 -19.65 19.12
C ILE A 60 3.47 -19.84 17.65
N CYS A 61 2.73 -19.17 16.76
CA CYS A 61 2.88 -19.37 15.33
C CYS A 61 3.10 -18.03 14.62
N GLY A 62 3.87 -18.08 13.54
CA GLY A 62 4.18 -16.92 12.73
C GLY A 62 3.24 -16.73 11.57
N ASP A 63 3.77 -16.15 10.49
CA ASP A 63 2.94 -15.77 9.34
C ASP A 63 2.30 -16.99 8.69
N ILE A 64 1.06 -16.81 8.25
CA ILE A 64 0.32 -17.82 7.51
C ILE A 64 0.09 -17.38 6.06
N HIS A 65 -0.32 -16.12 5.87
CA HIS A 65 -0.53 -15.52 4.55
C HIS A 65 -1.41 -16.41 3.66
N GLY A 66 -2.58 -16.76 4.18
CA GLY A 66 -3.59 -17.43 3.39
C GLY A 66 -3.21 -18.80 2.88
N GLN A 67 -2.17 -19.42 3.43
CA GLN A 67 -1.82 -20.79 3.06
C GLN A 67 -2.61 -21.71 3.98
N TYR A 68 -3.88 -21.91 3.60
CA TYR A 68 -4.84 -22.53 4.50
C TYR A 68 -4.48 -23.98 4.83
N TYR A 69 -4.04 -24.75 3.83
CA TYR A 69 -3.73 -26.14 4.10
C TYR A 69 -2.46 -26.29 4.93
N ASP A 70 -1.58 -25.29 4.91
CA ASP A 70 -0.47 -25.26 5.85
C ASP A 70 -0.95 -24.94 7.26
N LEU A 71 -2.00 -24.12 7.39
CA LEU A 71 -2.58 -23.88 8.70
C LEU A 71 -3.19 -25.16 9.27
N LEU A 72 -3.85 -25.95 8.42
CA LEU A 72 -4.43 -27.21 8.90
C LEU A 72 -3.34 -28.17 9.34
N ARG A 73 -2.19 -28.15 8.66
CA ARG A 73 -1.08 -28.99 9.07
C ARG A 73 -0.51 -28.55 10.42
N LEU A 74 -0.48 -27.24 10.67
CA LEU A 74 -0.02 -26.75 11.97
C LEU A 74 -0.90 -27.27 13.09
N PHE A 75 -2.22 -27.32 12.88
CA PHE A 75 -3.12 -27.83 13.89
C PHE A 75 -3.03 -29.34 14.01
N GLU A 76 -2.88 -30.04 12.88
CA GLU A 76 -2.80 -31.49 12.92
C GLU A 76 -1.60 -31.96 13.75
N TYR A 77 -0.45 -31.28 13.58
CA TYR A 77 0.77 -31.67 14.25
C TYR A 77 0.93 -31.05 15.63
N GLY A 78 0.31 -29.90 15.87
CA GLY A 78 0.42 -29.26 17.16
C GLY A 78 -0.76 -29.54 18.06
N GLY A 79 -1.82 -30.10 17.48
CA GLY A 79 -3.02 -30.40 18.23
C GLY A 79 -4.13 -29.42 17.93
N PHE A 80 -5.24 -29.91 17.38
CA PHE A 80 -6.36 -29.06 17.10
C PHE A 80 -6.93 -28.51 18.41
N PRO A 81 -7.37 -27.25 18.43
CA PRO A 81 -7.98 -26.71 19.65
C PRO A 81 -9.17 -27.54 20.09
N PRO A 82 -9.37 -27.72 21.40
CA PRO A 82 -8.55 -27.13 22.46
C PRO A 82 -7.51 -28.09 23.04
N GLU A 83 -7.04 -29.07 22.26
CA GLU A 83 -5.98 -29.93 22.72
C GLU A 83 -4.70 -29.15 23.01
N SER A 84 -4.56 -27.95 22.43
CA SER A 84 -3.41 -27.10 22.68
CA SER A 84 -3.43 -27.09 22.71
C SER A 84 -3.88 -25.65 22.67
N ASN A 85 -3.13 -24.80 23.35
CA ASN A 85 -3.38 -23.37 23.34
C ASN A 85 -2.54 -22.72 22.25
N TYR A 86 -3.04 -21.61 21.71
CA TYR A 86 -2.41 -21.01 20.54
C TYR A 86 -2.36 -19.50 20.65
N LEU A 87 -1.23 -18.94 20.22
CA LEU A 87 -1.06 -17.50 20.02
C LEU A 87 -0.46 -17.28 18.64
N PHE A 88 -1.17 -16.56 17.79
CA PHE A 88 -0.70 -16.24 16.46
C PHE A 88 -0.19 -14.81 16.41
N LEU A 89 0.84 -14.59 15.59
CA LEU A 89 1.55 -13.32 15.58
C LEU A 89 1.22 -12.44 14.39
N GLY A 90 0.17 -12.75 13.64
CA GLY A 90 -0.33 -11.86 12.61
C GLY A 90 -0.01 -12.35 11.21
N ASP A 91 -0.30 -11.47 10.24
CA ASP A 91 -0.17 -11.76 8.81
C ASP A 91 -0.88 -13.06 8.44
N TYR A 92 -2.20 -13.01 8.55
CA TYR A 92 -3.03 -14.16 8.21
C TYR A 92 -3.48 -14.14 6.74
N VAL A 93 -3.57 -12.95 6.15
CA VAL A 93 -4.12 -12.79 4.81
C VAL A 93 -3.01 -12.28 3.87
N ASP A 94 -3.36 -12.21 2.58
CA ASP A 94 -2.52 -11.71 1.48
C ASP A 94 -1.56 -12.75 0.94
N ARG A 95 -1.18 -12.59 -0.33
CA ARG A 95 -0.20 -13.40 -1.05
C ARG A 95 -0.64 -14.84 -1.28
N GLY A 96 -1.19 -15.49 -0.27
CA GLY A 96 -1.66 -16.85 -0.44
C GLY A 96 -2.95 -16.93 -1.23
N LYS A 97 -3.36 -18.16 -1.52
CA LYS A 97 -4.53 -18.40 -2.36
C LYS A 97 -5.83 -18.48 -1.56
N GLN A 98 -5.77 -18.75 -0.27
CA GLN A 98 -6.97 -19.00 0.54
C GLN A 98 -6.90 -18.22 1.85
N SER A 99 -6.86 -16.88 1.73
CA SER A 99 -6.90 -16.03 2.92
C SER A 99 -8.21 -16.17 3.66
N LEU A 100 -9.32 -16.32 2.94
CA LEU A 100 -10.64 -16.34 3.57
C LEU A 100 -10.78 -17.56 4.49
N GLU A 101 -10.49 -18.75 3.99
CA GLU A 101 -10.54 -19.94 4.83
C GLU A 101 -9.61 -19.81 6.02
N THR A 102 -8.43 -19.22 5.80
CA THR A 102 -7.45 -19.08 6.87
C THR A 102 -7.99 -18.20 8.00
N ILE A 103 -8.42 -16.98 7.67
CA ILE A 103 -8.84 -16.05 8.72
C ILE A 103 -10.16 -16.51 9.34
N CYS A 104 -11.05 -17.13 8.56
CA CYS A 104 -12.33 -17.57 9.11
C CYS A 104 -12.15 -18.67 10.15
N LEU A 105 -11.29 -19.65 9.86
CA LEU A 105 -11.00 -20.69 10.85
C LEU A 105 -10.36 -20.09 12.10
N LEU A 106 -9.47 -19.11 11.93
CA LEU A 106 -8.84 -18.49 13.10
C LEU A 106 -9.85 -17.71 13.92
N LEU A 107 -10.70 -16.91 13.27
CA LEU A 107 -11.73 -16.18 14.00
C LEU A 107 -12.71 -17.13 14.68
N ALA A 108 -13.03 -18.25 14.01
CA ALA A 108 -13.94 -19.23 14.58
C ALA A 108 -13.36 -19.83 15.85
N TYR A 109 -12.09 -20.26 15.79
CA TYR A 109 -11.43 -20.78 16.98
C TYR A 109 -11.33 -19.72 18.07
N LYS A 110 -11.19 -18.45 17.69
CA LYS A 110 -11.16 -17.38 18.68
C LYS A 110 -12.48 -17.28 19.42
N ILE A 111 -13.60 -17.42 18.71
CA ILE A 111 -14.91 -17.37 19.36
C ILE A 111 -15.15 -18.63 20.16
N LYS A 112 -14.78 -19.79 19.62
CA LYS A 112 -15.07 -21.06 20.29
C LYS A 112 -14.25 -21.21 21.57
N TYR A 113 -12.98 -20.80 21.55
CA TYR A 113 -12.08 -20.91 22.70
C TYR A 113 -11.46 -19.55 23.01
N PRO A 114 -12.26 -18.62 23.54
CA PRO A 114 -11.80 -17.23 23.67
C PRO A 114 -10.66 -17.02 24.64
N GLU A 115 -10.44 -17.90 25.62
CA GLU A 115 -9.34 -17.75 26.56
C GLU A 115 -8.27 -18.83 26.38
N ASN A 116 -8.28 -19.54 25.25
CA ASN A 116 -7.25 -20.54 24.98
C ASN A 116 -6.74 -20.41 23.56
N PHE A 117 -7.14 -19.36 22.84
CA PHE A 117 -6.80 -19.13 21.45
C PHE A 117 -6.68 -17.63 21.27
N PHE A 118 -5.57 -17.16 20.70
CA PHE A 118 -5.30 -15.72 20.68
C PHE A 118 -4.66 -15.33 19.36
N LEU A 119 -5.06 -14.16 18.85
CA LEU A 119 -4.60 -13.65 17.56
C LEU A 119 -4.13 -12.22 17.74
N LEU A 120 -2.87 -11.96 17.36
CA LEU A 120 -2.31 -10.61 17.34
C LEU A 120 -2.37 -10.05 15.93
N ARG A 121 -2.22 -8.73 15.84
CA ARG A 121 -2.33 -8.02 14.57
C ARG A 121 -0.97 -7.94 13.88
N GLY A 122 -0.94 -8.31 12.60
CA GLY A 122 0.23 -8.12 11.76
C GLY A 122 0.03 -6.92 10.86
N ASN A 123 1.11 -6.51 10.19
CA ASN A 123 1.02 -5.34 9.32
C ASN A 123 0.12 -5.57 8.11
N HIS A 124 -0.23 -6.82 7.79
CA HIS A 124 -1.18 -7.10 6.71
C HIS A 124 -2.63 -7.11 7.18
N GLU A 125 -2.88 -7.07 8.48
CA GLU A 125 -4.24 -6.89 9.00
C GLU A 125 -4.56 -5.38 9.02
N CYS A 126 -4.49 -4.80 7.84
CA CYS A 126 -4.59 -3.35 7.66
C CYS A 126 -5.10 -3.09 6.26
N ALA A 127 -6.13 -2.27 6.14
CA ALA A 127 -6.85 -2.13 4.88
C ALA A 127 -5.94 -1.61 3.77
N SER A 128 -5.09 -0.62 4.08
CA SER A 128 -4.25 -0.04 3.03
C SER A 128 -3.17 -0.99 2.55
N ILE A 129 -2.92 -2.08 3.26
CA ILE A 129 -1.98 -3.11 2.80
C ILE A 129 -2.71 -4.23 2.07
N ASN A 130 -3.72 -4.83 2.71
CA ASN A 130 -4.35 -5.99 2.11
C ASN A 130 -5.30 -5.63 0.97
N ARG A 131 -5.54 -4.34 0.74
CA ARG A 131 -6.21 -3.95 -0.50
C ARG A 131 -5.33 -4.27 -1.71
N ILE A 132 -4.02 -4.30 -1.52
CA ILE A 132 -3.07 -4.43 -2.61
C ILE A 132 -2.55 -5.85 -2.75
N TYR A 133 -2.25 -6.51 -1.64
CA TYR A 133 -1.49 -7.75 -1.67
C TYR A 133 -2.35 -9.01 -1.74
N GLY A 134 -3.64 -8.88 -2.04
CA GLY A 134 -4.42 -10.07 -2.34
C GLY A 134 -5.76 -10.23 -1.65
N PHE A 135 -5.86 -9.84 -0.38
CA PHE A 135 -7.06 -10.15 0.39
C PHE A 135 -8.30 -9.47 -0.18
N TYR A 136 -8.17 -8.20 -0.56
CA TYR A 136 -9.31 -7.49 -1.13
C TYR A 136 -9.77 -8.14 -2.43
N ASP A 137 -8.84 -8.52 -3.30
CA ASP A 137 -9.21 -9.20 -4.53
C ASP A 137 -9.91 -10.52 -4.25
N GLU A 138 -9.50 -11.22 -3.19
CA GLU A 138 -10.16 -12.46 -2.83
C GLU A 138 -11.57 -12.21 -2.31
N CYS A 139 -11.74 -11.16 -1.51
CA CYS A 139 -13.07 -10.83 -1.00
C CYS A 139 -13.99 -10.38 -2.12
N LYS A 140 -13.47 -9.61 -3.07
CA LYS A 140 -14.27 -9.15 -4.21
C LYS A 140 -14.67 -10.31 -5.10
N ARG A 141 -13.75 -11.24 -5.35
CA ARG A 141 -14.03 -12.36 -6.25
C ARG A 141 -15.05 -13.32 -5.65
N ARG A 142 -14.88 -13.69 -4.39
CA ARG A 142 -15.70 -14.73 -3.77
C ARG A 142 -16.89 -14.19 -3.00
N TYR A 143 -16.90 -12.89 -2.67
CA TYR A 143 -18.01 -12.29 -1.95
C TYR A 143 -18.29 -10.89 -2.49
N ASN A 144 -18.01 -9.85 -1.72
CA ASN A 144 -18.27 -8.49 -2.17
C ASN A 144 -17.43 -7.51 -1.37
N ILE A 145 -17.40 -6.26 -1.85
CA ILE A 145 -16.61 -5.20 -1.22
C ILE A 145 -17.07 -4.94 0.21
N LYS A 146 -18.37 -5.05 0.47
CA LYS A 146 -18.89 -4.76 1.81
C LYS A 146 -18.29 -5.72 2.85
N LEU A 147 -18.09 -6.99 2.47
CA LEU A 147 -17.52 -7.95 3.41
C LEU A 147 -16.05 -7.62 3.70
N TRP A 148 -15.33 -7.07 2.71
CA TRP A 148 -13.95 -6.68 2.96
C TRP A 148 -13.86 -5.58 4.01
N LYS A 149 -14.76 -4.60 3.93
CA LYS A 149 -14.78 -3.54 4.93
C LYS A 149 -15.22 -4.05 6.29
N THR A 150 -16.06 -5.11 6.32
CA THR A 150 -16.38 -5.76 7.58
C THR A 150 -15.14 -6.39 8.21
N PHE A 151 -14.29 -7.00 7.38
CA PHE A 151 -13.02 -7.53 7.88
C PHE A 151 -12.12 -6.43 8.42
N THR A 152 -12.07 -5.29 7.72
CA THR A 152 -11.21 -4.19 8.17
C THR A 152 -11.62 -3.71 9.56
N ASP A 153 -12.93 -3.55 9.77
CA ASP A 153 -13.42 -3.10 11.08
C ASP A 153 -13.09 -4.12 12.15
N CYS A 154 -13.07 -5.41 11.79
CA CYS A 154 -12.64 -6.43 12.75
C CYS A 154 -11.15 -6.35 13.02
N PHE A 155 -10.34 -6.25 11.95
CA PHE A 155 -8.89 -6.21 12.10
C PHE A 155 -8.45 -5.01 12.94
N ASN A 156 -9.19 -3.90 12.86
CA ASN A 156 -8.80 -2.70 13.60
C ASN A 156 -8.94 -2.87 15.10
N CYS A 157 -9.43 -4.00 15.58
CA CYS A 157 -9.60 -4.23 17.01
C CYS A 157 -8.70 -5.35 17.54
N LEU A 158 -7.83 -5.91 16.70
CA LEU A 158 -6.95 -6.98 17.15
C LEU A 158 -5.98 -6.46 18.21
N PRO A 159 -5.63 -7.30 19.19
CA PRO A 159 -4.56 -6.93 20.12
C PRO A 159 -3.22 -6.84 19.41
N ILE A 160 -2.29 -6.13 20.06
CA ILE A 160 -1.06 -5.71 19.43
C ILE A 160 0.15 -6.49 19.94
N ALA A 161 0.16 -6.84 21.23
CA ALA A 161 1.28 -7.56 21.81
C ALA A 161 0.77 -8.50 22.90
N ALA A 162 1.60 -9.48 23.23
CA ALA A 162 1.31 -10.42 24.31
C ALA A 162 2.58 -10.67 25.12
N ILE A 163 2.39 -10.91 26.41
CA ILE A 163 3.48 -11.28 27.32
C ILE A 163 3.09 -12.56 28.04
N VAL A 164 3.89 -13.60 27.88
CA VAL A 164 3.60 -14.93 28.41
C VAL A 164 4.34 -15.10 29.73
N ASP A 165 3.59 -15.19 30.83
CA ASP A 165 4.16 -15.42 32.16
C ASP A 165 5.26 -14.42 32.49
N GLU A 166 5.08 -13.19 32.02
CA GLU A 166 5.92 -12.04 32.38
C GLU A 166 7.38 -12.23 31.97
N LYS A 167 7.66 -13.08 30.99
CA LYS A 167 9.03 -13.30 30.52
CA LYS A 167 9.04 -13.30 30.52
C LYS A 167 9.19 -13.33 29.01
N ILE A 168 8.15 -13.60 28.24
CA ILE A 168 8.24 -13.69 26.77
C ILE A 168 7.36 -12.60 26.18
N PHE A 169 7.98 -11.63 25.52
CA PHE A 169 7.27 -10.54 24.87
C PHE A 169 7.03 -10.89 23.40
N CYS A 170 5.78 -10.78 22.96
CA CYS A 170 5.37 -11.24 21.63
C CYS A 170 4.71 -10.11 20.87
N CYS A 171 5.11 -9.94 19.60
CA CYS A 171 4.45 -9.02 18.67
C CYS A 171 4.84 -9.45 17.26
N HIS A 172 4.19 -8.84 16.26
CA HIS A 172 4.46 -9.24 14.89
C HIS A 172 5.82 -8.75 14.41
N GLY A 173 6.07 -7.45 14.54
CA GLY A 173 7.29 -6.85 14.04
C GLY A 173 8.46 -6.88 15.00
N GLY A 174 8.54 -5.89 15.89
CA GLY A 174 9.63 -5.84 16.83
C GLY A 174 9.53 -4.65 17.74
N LEU A 175 10.67 -4.24 18.27
CA LEU A 175 10.72 -3.16 19.24
C LEU A 175 10.50 -1.81 18.56
N SER A 176 10.25 -0.79 19.39
CA SER A 176 10.07 0.57 18.95
C SER A 176 10.99 1.48 19.75
N PRO A 177 11.61 2.49 19.11
CA PRO A 177 12.38 3.48 19.88
C PRO A 177 11.51 4.32 20.80
N ASP A 178 10.19 4.31 20.60
CA ASP A 178 9.24 5.05 21.41
C ASP A 178 8.57 4.19 22.49
N LEU A 179 9.13 3.02 22.78
CA LEU A 179 8.56 2.11 23.77
C LEU A 179 9.44 2.13 25.01
N GLN A 180 9.05 2.93 26.00
CA GLN A 180 9.72 2.95 27.30
C GLN A 180 8.95 2.19 28.38
N SER A 181 7.62 2.28 28.36
CA SER A 181 6.77 1.61 29.34
C SER A 181 5.69 0.81 28.63
N MET A 182 5.36 -0.37 29.19
CA MET A 182 4.29 -1.17 28.62
C MET A 182 2.94 -0.45 28.68
N GLU A 183 2.81 0.56 29.56
CA GLU A 183 1.56 1.31 29.62
C GLU A 183 1.29 2.04 28.31
N GLN A 184 2.36 2.39 27.58
CA GLN A 184 2.17 3.03 26.28
C GLN A 184 1.45 2.12 25.30
N ILE A 185 1.62 0.80 25.45
CA ILE A 185 0.87 -0.14 24.63
C ILE A 185 -0.58 -0.21 25.09
N ARG A 186 -0.79 -0.35 26.40
CA ARG A 186 -2.13 -0.48 26.96
C ARG A 186 -2.98 0.75 26.73
N ARG A 187 -2.35 1.90 26.44
CA ARG A 187 -3.05 3.16 26.21
C ARG A 187 -3.55 3.33 24.78
N ILE A 188 -3.13 2.48 23.85
CA ILE A 188 -3.62 2.58 22.48
C ILE A 188 -5.09 2.20 22.43
N MET A 189 -5.92 3.08 21.87
CA MET A 189 -7.35 2.87 21.81
C MET A 189 -7.74 2.12 20.54
N ARG A 190 -8.70 1.20 20.68
CA ARG A 190 -9.23 0.43 19.58
C ARG A 190 -10.70 0.75 19.37
N PRO A 191 -11.19 0.72 18.11
CA PRO A 191 -10.47 0.37 16.89
C PRO A 191 -9.54 1.47 16.38
N THR A 192 -8.51 1.08 15.63
CA THR A 192 -7.57 2.03 15.06
C THR A 192 -6.96 1.44 13.81
N ASP A 193 -6.57 2.32 12.89
CA ASP A 193 -5.73 1.94 11.78
C ASP A 193 -4.27 1.86 12.24
N VAL A 194 -3.41 1.35 11.37
CA VAL A 194 -1.98 1.31 11.62
C VAL A 194 -1.38 2.61 11.08
N PRO A 195 -0.83 3.47 11.92
CA PRO A 195 -0.25 4.72 11.43
C PRO A 195 1.00 4.46 10.62
N ASP A 196 1.41 5.48 9.87
CA ASP A 196 2.60 5.37 9.03
C ASP A 196 3.89 5.42 9.83
N GLN A 197 3.81 5.76 11.12
CA GLN A 197 4.97 5.81 11.99
C GLN A 197 4.49 5.84 13.43
N GLY A 198 5.40 5.56 14.35
CA GLY A 198 5.09 5.57 15.77
C GLY A 198 5.13 4.17 16.37
N LEU A 199 4.71 4.12 17.64
CA LEU A 199 4.80 2.88 18.40
C LEU A 199 3.99 1.76 17.77
N LEU A 200 2.72 2.01 17.44
CA LEU A 200 1.89 0.97 16.88
C LEU A 200 2.45 0.47 15.54
N CYS A 201 2.91 1.40 14.70
CA CYS A 201 3.54 1.02 13.45
C CYS A 201 4.78 0.16 13.69
N ASP A 202 5.67 0.60 14.57
CA ASP A 202 6.92 -0.13 14.80
C ASP A 202 6.65 -1.54 15.31
N LEU A 203 5.66 -1.69 16.20
CA LEU A 203 5.35 -3.02 16.73
C LEU A 203 4.95 -4.00 15.64
N LEU A 204 4.48 -3.50 14.49
CA LEU A 204 4.03 -4.35 13.41
C LEU A 204 4.99 -4.35 12.21
N TRP A 205 6.05 -3.55 12.23
CA TRP A 205 6.84 -3.36 11.03
C TRP A 205 8.35 -3.54 11.21
N SER A 206 8.87 -3.27 12.41
CA SER A 206 10.32 -3.21 12.55
C SER A 206 10.94 -4.61 12.54
N ASP A 207 12.25 -4.66 12.30
CA ASP A 207 13.02 -5.89 12.17
C ASP A 207 14.30 -5.80 12.99
N PRO A 208 14.82 -6.94 13.44
CA PRO A 208 16.18 -6.97 13.96
C PRO A 208 17.19 -7.03 12.82
N ASP A 209 18.33 -6.37 13.02
CA ASP A 209 19.42 -6.37 12.05
C ASP A 209 20.73 -6.62 12.78
N LYS A 210 21.46 -7.66 12.36
CA LYS A 210 22.72 -7.99 12.99
C LYS A 210 23.82 -6.99 12.68
N ASP A 211 23.61 -6.08 11.73
CA ASP A 211 24.65 -5.16 11.28
C ASP A 211 24.43 -3.71 11.73
N VAL A 212 23.42 -3.45 12.55
CA VAL A 212 23.12 -2.10 13.01
C VAL A 212 23.46 -2.00 14.49
N GLN A 213 23.94 -0.82 14.90
CA GLN A 213 24.20 -0.50 16.29
C GLN A 213 23.12 0.48 16.73
N GLY A 214 22.22 0.03 17.59
CA GLY A 214 21.10 0.87 17.98
C GLY A 214 19.99 0.77 16.95
N TRP A 215 19.45 1.90 16.56
CA TRP A 215 18.33 1.97 15.64
C TRP A 215 18.80 2.43 14.27
N GLY A 216 18.30 1.77 13.22
CA GLY A 216 18.63 2.13 11.86
C GLY A 216 17.39 2.18 10.99
N GLU A 217 17.58 2.70 9.78
CA GLU A 217 16.48 2.78 8.82
C GLU A 217 16.20 1.43 8.20
N ASN A 218 14.92 1.09 8.11
CA ASN A 218 14.50 -0.21 7.59
C ASN A 218 14.38 -0.16 6.08
N ASP A 219 14.90 -1.19 5.41
CA ASP A 219 14.83 -1.27 3.96
C ASP A 219 13.39 -1.33 3.45
N ARG A 220 12.44 -1.69 4.30
CA ARG A 220 11.03 -1.73 3.88
C ARG A 220 10.49 -0.36 3.52
N GLY A 221 11.16 0.71 3.95
CA GLY A 221 10.62 2.05 3.81
C GLY A 221 9.70 2.47 4.94
N VAL A 222 9.49 1.61 5.93
CA VAL A 222 8.64 1.89 7.08
C VAL A 222 9.36 1.43 8.34
N SER A 223 9.23 2.21 9.41
CA SER A 223 9.72 1.83 10.75
C SER A 223 11.26 1.75 10.72
N PHE A 224 11.83 0.90 11.57
CA PHE A 224 13.26 0.92 11.84
C PHE A 224 13.81 -0.50 11.93
N THR A 225 15.12 -0.59 12.08
CA THR A 225 15.78 -1.81 12.50
C THR A 225 16.43 -1.58 13.85
N PHE A 226 16.66 -2.67 14.58
CA PHE A 226 17.32 -2.60 15.87
C PHE A 226 18.36 -3.70 15.97
N GLY A 227 19.38 -3.45 16.79
CA GLY A 227 20.51 -4.34 16.92
C GLY A 227 20.47 -5.18 18.19
N ALA A 228 21.54 -5.98 18.36
CA ALA A 228 21.60 -6.89 19.50
C ALA A 228 21.59 -6.15 20.83
N GLU A 229 22.15 -4.94 20.88
CA GLU A 229 22.19 -4.21 22.14
C GLU A 229 20.83 -3.64 22.53
N VAL A 230 20.03 -3.23 21.54
CA VAL A 230 18.68 -2.76 21.86
C VAL A 230 17.88 -3.89 22.48
N VAL A 231 18.07 -5.12 21.99
CA VAL A 231 17.33 -6.25 22.54
C VAL A 231 17.76 -6.53 23.97
N ALA A 232 19.06 -6.46 24.25
CA ALA A 232 19.53 -6.76 25.60
C ALA A 232 19.04 -5.72 26.61
N LYS A 233 19.13 -4.43 26.26
CA LYS A 233 18.68 -3.40 27.18
C LYS A 233 17.18 -3.42 27.39
N PHE A 234 16.42 -3.75 26.34
CA PHE A 234 14.97 -3.89 26.50
C PHE A 234 14.63 -5.03 27.44
N LEU A 235 15.27 -6.19 27.25
CA LEU A 235 15.00 -7.34 28.12
C LEU A 235 15.36 -7.04 29.57
N HIS A 236 16.48 -6.34 29.77
CA HIS A 236 16.92 -6.06 31.14
C HIS A 236 16.03 -5.02 31.81
N LYS A 237 15.60 -4.00 31.07
CA LYS A 237 14.77 -2.96 31.67
C LYS A 237 13.40 -3.49 32.08
N HIS A 238 12.85 -4.49 31.38
CA HIS A 238 11.51 -4.99 31.67
C HIS A 238 11.51 -6.39 32.25
N ASP A 239 12.67 -6.90 32.67
CA ASP A 239 12.78 -8.20 33.33
C ASP A 239 12.18 -9.30 32.46
N LEU A 240 12.50 -9.28 31.17
CA LEU A 240 12.05 -10.28 30.20
C LEU A 240 13.22 -11.17 29.80
N ASP A 241 12.88 -12.36 29.32
CA ASP A 241 13.88 -13.33 28.90
C ASP A 241 13.99 -13.50 27.39
N LEU A 242 12.93 -13.21 26.64
CA LEU A 242 12.91 -13.53 25.23
C LEU A 242 11.91 -12.63 24.50
N ILE A 243 12.25 -12.28 23.26
CA ILE A 243 11.34 -11.59 22.36
CA ILE A 243 11.35 -11.58 22.36
C ILE A 243 10.97 -12.56 21.25
N CYS A 244 9.67 -12.77 21.07
CA CYS A 244 9.15 -13.68 20.04
C CYS A 244 8.37 -12.85 19.03
N ARG A 245 8.78 -12.91 17.76
CA ARG A 245 8.17 -12.12 16.70
C ARG A 245 8.17 -12.94 15.42
N ALA A 246 7.57 -12.36 14.38
CA ALA A 246 7.49 -13.00 13.07
C ALA A 246 7.98 -12.06 11.98
N HIS A 247 7.13 -11.78 10.99
CA HIS A 247 7.33 -10.64 10.07
C HIS A 247 8.45 -10.85 9.07
N GLN A 248 9.28 -11.88 9.23
CA GLN A 248 10.35 -12.17 8.28
C GLN A 248 10.44 -13.66 8.02
N VAL A 249 10.59 -14.02 6.74
CA VAL A 249 10.72 -15.43 6.35
C VAL A 249 12.13 -15.92 6.69
N VAL A 250 12.20 -17.10 7.32
CA VAL A 250 13.47 -17.70 7.72
C VAL A 250 13.48 -19.16 7.27
N GLU A 251 14.63 -19.61 6.76
CA GLU A 251 14.68 -20.86 6.00
C GLU A 251 14.34 -22.08 6.85
N ASP A 252 14.68 -22.07 8.14
CA ASP A 252 14.39 -23.21 9.00
C ASP A 252 13.10 -23.05 9.79
N GLY A 253 12.32 -22.01 9.49
CA GLY A 253 11.09 -21.72 10.18
C GLY A 253 11.27 -20.89 11.45
N TYR A 254 12.41 -21.05 12.12
CA TYR A 254 12.76 -20.26 13.29
C TYR A 254 14.19 -19.77 13.12
N GLU A 255 14.53 -18.69 13.82
CA GLU A 255 15.86 -18.13 13.70
C GLU A 255 16.13 -17.25 14.91
N PHE A 256 17.19 -17.59 15.65
CA PHE A 256 17.57 -16.80 16.82
C PHE A 256 18.28 -15.52 16.42
N PHE A 257 18.25 -14.56 17.33
CA PHE A 257 18.94 -13.28 17.18
C PHE A 257 19.49 -12.87 18.54
N ALA A 258 20.76 -12.41 18.54
CA ALA A 258 21.40 -11.88 19.74
C ALA A 258 21.45 -12.92 20.87
N LYS A 259 22.11 -14.04 20.57
CA LYS A 259 22.38 -15.08 21.56
C LYS A 259 21.08 -15.59 22.20
N ARG A 260 20.14 -15.99 21.36
CA ARG A 260 18.86 -16.57 21.76
C ARG A 260 18.02 -15.62 22.61
N GLN A 261 18.26 -14.32 22.52
CA GLN A 261 17.42 -13.34 23.21
C GLN A 261 16.21 -12.94 22.39
N LEU A 262 16.19 -13.25 21.10
CA LEU A 262 15.05 -12.99 20.23
C LEU A 262 14.97 -14.13 19.23
N VAL A 263 13.74 -14.54 18.91
CA VAL A 263 13.52 -15.59 17.94
C VAL A 263 12.46 -15.12 16.94
N THR A 264 12.68 -15.42 15.66
CA THR A 264 11.73 -15.10 14.60
C THR A 264 11.03 -16.39 14.18
N LEU A 265 9.70 -16.35 14.16
CA LEU A 265 8.88 -17.49 13.76
C LEU A 265 8.22 -17.21 12.42
N PHE A 266 8.22 -18.22 11.56
CA PHE A 266 7.52 -18.16 10.28
C PHE A 266 6.88 -19.51 10.03
N SER A 267 5.55 -19.54 9.95
CA SER A 267 4.80 -20.79 9.98
C SER A 267 4.23 -21.19 8.63
N ALA A 268 4.52 -20.46 7.56
CA ALA A 268 4.04 -20.84 6.24
C ALA A 268 5.19 -21.50 5.48
N PRO A 269 5.21 -22.83 5.36
CA PRO A 269 6.30 -23.48 4.65
C PRO A 269 6.24 -23.20 3.15
N ASN A 270 7.42 -23.18 2.53
CA ASN A 270 7.56 -22.90 1.09
C ASN A 270 6.73 -21.67 0.71
N TYR A 271 7.13 -20.54 1.31
CA TYR A 271 6.38 -19.29 1.27
C TYR A 271 5.87 -18.97 -0.14
N CYS A 272 4.54 -19.05 -0.30
CA CYS A 272 3.81 -18.83 -1.55
C CYS A 272 4.53 -19.38 -2.78
N GLY A 273 5.11 -20.57 -2.67
CA GLY A 273 5.81 -21.19 -3.78
C GLY A 273 6.99 -20.40 -4.32
N GLU A 274 7.57 -19.51 -3.51
CA GLU A 274 8.73 -18.72 -3.92
C GLU A 274 9.99 -19.06 -3.15
N PHE A 275 9.87 -19.71 -2.01
CA PHE A 275 11.01 -20.09 -1.19
C PHE A 275 10.93 -21.59 -0.90
N ASP A 276 12.07 -22.15 -0.51
CA ASP A 276 12.15 -23.52 -0.04
C ASP A 276 12.41 -23.57 1.46
N ASN A 277 11.72 -22.70 2.19
CA ASN A 277 11.86 -22.57 3.63
C ASN A 277 10.93 -23.55 4.33
N ALA A 278 11.24 -23.79 5.61
CA ALA A 278 10.33 -24.56 6.46
C ALA A 278 9.42 -23.62 7.23
N GLY A 279 8.41 -24.21 7.87
CA GLY A 279 7.53 -23.49 8.76
C GLY A 279 7.72 -24.03 10.18
N ALA A 280 7.82 -23.12 11.14
CA ALA A 280 8.04 -23.52 12.52
C ALA A 280 6.94 -23.02 13.43
N MET A 281 6.85 -23.68 14.58
CA MET A 281 5.88 -23.39 15.62
C MET A 281 6.56 -23.64 16.95
N MET A 282 6.58 -22.63 17.83
CA MET A 282 7.34 -22.72 19.08
C MET A 282 6.41 -23.16 20.20
N SER A 283 6.67 -24.36 20.73
CA SER A 283 5.96 -24.86 21.92
C SER A 283 6.69 -24.41 23.17
N VAL A 284 5.94 -23.85 24.12
CA VAL A 284 6.47 -23.47 25.42
C VAL A 284 5.62 -24.16 26.49
N ASP A 285 6.26 -24.94 27.35
CA ASP A 285 5.54 -25.68 28.38
C ASP A 285 5.37 -24.80 29.62
N GLU A 286 4.83 -25.36 30.70
CA GLU A 286 4.50 -24.55 31.86
C GLU A 286 5.74 -23.99 32.56
N THR A 287 6.91 -24.59 32.39
CA THR A 287 8.13 -24.08 32.99
C THR A 287 8.85 -23.10 32.07
N LEU A 288 8.19 -22.68 30.98
CA LEU A 288 8.76 -21.80 29.98
C LEU A 288 9.96 -22.41 29.27
N MET A 289 10.00 -23.74 29.14
CA MET A 289 11.01 -24.37 28.30
C MET A 289 10.49 -24.40 26.87
N CYS A 290 11.23 -23.79 25.96
CA CYS A 290 10.75 -23.55 24.61
C CYS A 290 11.46 -24.47 23.63
N SER A 291 10.68 -25.13 22.78
CA SER A 291 11.18 -25.96 21.70
C SER A 291 10.43 -25.63 20.42
N PHE A 292 10.94 -26.14 19.30
CA PHE A 292 10.39 -25.84 17.98
C PHE A 292 9.88 -27.11 17.31
N GLN A 293 8.65 -27.05 16.80
CA GLN A 293 8.11 -28.05 15.89
C GLN A 293 8.18 -27.51 14.47
N ILE A 294 8.90 -28.20 13.59
CA ILE A 294 9.21 -27.71 12.25
C ILE A 294 8.40 -28.51 11.23
N LEU A 295 7.78 -27.79 10.30
CA LEU A 295 6.99 -28.38 9.23
C LEU A 295 7.71 -28.15 7.90
N LYS A 296 7.96 -29.24 7.17
CA LYS A 296 8.75 -29.15 5.96
C LYS A 296 8.27 -30.20 4.98
N PRO A 297 8.15 -29.88 3.69
CA PRO A 297 7.78 -30.90 2.71
C PRO A 297 8.90 -31.91 2.55
N ALA A 298 8.52 -33.18 2.41
CA ALA A 298 9.50 -34.23 2.26
C ALA A 298 10.19 -34.13 0.90
N ASP A 299 11.50 -34.40 0.90
CA ASP A 299 12.28 -34.37 -0.34
C ASP A 299 12.99 -35.70 -0.58
N SER B 5 22.60 27.53 -6.42
CA SER B 5 23.70 26.63 -6.74
C SER B 5 23.23 25.43 -7.54
N LEU B 6 22.08 25.57 -8.20
CA LEU B 6 21.48 24.49 -8.98
C LEU B 6 21.78 24.76 -10.45
N ASN B 7 22.58 23.89 -11.07
CA ASN B 7 22.91 24.04 -12.48
C ASN B 7 21.82 23.37 -13.31
N LEU B 8 20.69 24.08 -13.38
CA LEU B 8 19.48 23.52 -13.99
C LEU B 8 19.70 23.19 -15.46
N ASP B 9 20.43 24.04 -16.18
CA ASP B 9 20.63 23.82 -17.61
C ASP B 9 21.47 22.57 -17.87
N SER B 10 22.46 22.29 -17.03
CA SER B 10 23.25 21.08 -17.20
C SER B 10 22.43 19.85 -16.87
N ILE B 11 21.60 19.92 -15.82
CA ILE B 11 20.70 18.82 -15.48
C ILE B 11 19.80 18.50 -16.67
N ILE B 12 19.13 19.52 -17.21
CA ILE B 12 18.22 19.32 -18.34
C ILE B 12 18.99 18.78 -19.55
N GLY B 13 20.20 19.28 -19.79
CA GLY B 13 20.97 18.82 -20.92
C GLY B 13 21.34 17.35 -20.83
N ARG B 14 21.78 16.90 -19.66
CA ARG B 14 22.10 15.48 -19.49
C ARG B 14 20.84 14.62 -19.56
N LEU B 15 19.71 15.14 -19.10
CA LEU B 15 18.45 14.40 -19.20
C LEU B 15 18.01 14.23 -20.64
N LEU B 16 18.22 15.27 -21.46
CA LEU B 16 17.76 15.26 -22.85
C LEU B 16 18.75 14.65 -23.83
N GLU B 17 20.02 14.46 -23.45
CA GLU B 17 21.00 14.02 -24.42
C GLU B 17 20.85 12.54 -24.77
N VAL B 18 20.12 11.77 -23.97
CA VAL B 18 19.98 10.34 -24.21
C VAL B 18 18.87 10.09 -25.23
N GLN B 19 18.34 11.16 -25.80
CA GLN B 19 17.27 11.01 -26.79
C GLN B 19 17.76 10.20 -27.99
N GLY B 20 17.03 9.13 -28.30
CA GLY B 20 17.37 8.26 -29.41
C GLY B 20 18.48 7.27 -29.11
N SER B 21 18.73 6.98 -27.84
CA SER B 21 19.78 6.07 -27.41
C SER B 21 19.25 4.81 -26.73
N ARG B 22 17.98 4.46 -26.94
CA ARG B 22 17.33 3.54 -26.02
C ARG B 22 17.37 2.09 -26.45
N PRO B 23 18.25 1.25 -25.87
CA PRO B 23 17.76 0.15 -25.01
C PRO B 23 17.71 0.81 -23.64
N GLY B 24 16.65 1.60 -23.45
CA GLY B 24 16.43 2.51 -22.32
C GLY B 24 17.63 2.90 -21.47
N LYS B 25 18.43 3.84 -21.97
CA LYS B 25 19.62 4.29 -21.24
C LYS B 25 19.21 5.14 -20.03
N ASN B 26 19.92 4.97 -18.92
CA ASN B 26 19.65 5.78 -17.74
C ASN B 26 20.38 7.12 -17.79
N VAL B 27 19.85 8.08 -17.06
CA VAL B 27 20.53 9.34 -16.75
C VAL B 27 20.68 9.38 -15.24
N GLN B 28 21.92 9.20 -14.76
CA GLN B 28 22.19 9.13 -13.33
C GLN B 28 22.70 10.49 -12.88
N LEU B 29 21.78 11.34 -12.46
CA LEU B 29 22.15 12.61 -11.86
C LEU B 29 22.82 12.36 -10.51
N THR B 30 23.41 13.40 -9.95
CA THR B 30 23.98 13.23 -8.62
C THR B 30 22.89 13.36 -7.56
N GLU B 31 23.17 12.81 -6.38
CA GLU B 31 22.26 12.90 -5.26
C GLU B 31 21.93 14.35 -4.92
N ASN B 32 22.92 15.24 -4.99
CA ASN B 32 22.68 16.64 -4.66
C ASN B 32 21.88 17.36 -5.75
N GLU B 33 22.10 17.00 -7.02
CA GLU B 33 21.33 17.60 -8.10
C GLU B 33 19.84 17.26 -7.98
N ILE B 34 19.54 15.99 -7.66
CA ILE B 34 18.14 15.59 -7.51
C ILE B 34 17.54 16.22 -6.27
N ARG B 35 18.31 16.30 -5.18
CA ARG B 35 17.82 16.91 -3.96
C ARG B 35 17.53 18.39 -4.17
N GLY B 36 18.34 19.06 -4.99
CA GLY B 36 18.05 20.45 -5.34
C GLY B 36 16.79 20.60 -6.17
N LEU B 37 16.59 19.70 -7.13
CA LEU B 37 15.36 19.70 -7.92
C LEU B 37 14.14 19.59 -7.02
N CYS B 38 14.21 18.75 -5.99
CA CYS B 38 13.08 18.59 -5.09
C CYS B 38 12.80 19.87 -4.30
N LEU B 39 13.85 20.48 -3.74
CA LEU B 39 13.64 21.63 -2.86
C LEU B 39 13.26 22.88 -3.64
N LYS B 40 13.86 23.09 -4.82
CA LYS B 40 13.53 24.29 -5.59
C LYS B 40 12.13 24.20 -6.17
N SER B 41 11.76 23.03 -6.73
CA SER B 41 10.39 22.85 -7.21
C SER B 41 9.39 22.90 -6.07
N ARG B 42 9.77 22.42 -4.88
CA ARG B 42 8.86 22.46 -3.74
C ARG B 42 8.46 23.88 -3.39
N GLU B 43 9.43 24.81 -3.36
CA GLU B 43 9.10 26.21 -3.06
C GLU B 43 8.16 26.78 -4.11
N ILE B 44 8.37 26.42 -5.38
CA ILE B 44 7.51 26.92 -6.45
C ILE B 44 6.09 26.37 -6.31
N PHE B 45 5.95 25.13 -5.84
CA PHE B 45 4.62 24.57 -5.63
C PHE B 45 3.88 25.31 -4.52
N LEU B 46 4.57 25.63 -3.42
CA LEU B 46 3.89 26.28 -2.30
C LEU B 46 3.56 27.74 -2.60
N SER B 47 4.37 28.41 -3.41
CA SER B 47 4.09 29.80 -3.73
C SER B 47 2.99 29.96 -4.76
N GLN B 48 2.71 28.92 -5.53
CA GLN B 48 1.63 28.95 -6.50
C GLN B 48 0.37 28.35 -5.92
N PRO B 49 -0.80 28.69 -6.46
CA PRO B 49 -2.05 28.20 -5.87
C PRO B 49 -2.12 26.68 -5.89
N ILE B 50 -2.81 26.13 -4.89
CA ILE B 50 -3.14 24.71 -4.90
C ILE B 50 -4.17 24.40 -5.97
N LEU B 51 -4.93 25.40 -6.39
CA LEU B 51 -5.88 25.29 -7.50
C LEU B 51 -5.40 26.25 -8.59
N LEU B 52 -4.73 25.70 -9.60
CA LEU B 52 -4.11 26.54 -10.62
C LEU B 52 -5.16 27.11 -11.55
N GLU B 53 -5.10 28.42 -11.77
CA GLU B 53 -5.94 29.09 -12.75
C GLU B 53 -5.06 29.41 -13.96
N LEU B 54 -5.27 28.67 -15.05
CA LEU B 54 -4.38 28.71 -16.19
C LEU B 54 -5.05 29.37 -17.39
N GLU B 55 -4.22 29.68 -18.38
CA GLU B 55 -4.68 30.30 -19.62
C GLU B 55 -4.23 29.46 -20.81
N ALA B 56 -5.12 29.34 -21.79
CA ALA B 56 -4.76 28.73 -23.05
C ALA B 56 -3.80 29.65 -23.81
N PRO B 57 -3.01 29.11 -24.76
CA PRO B 57 -2.91 27.71 -25.16
C PRO B 57 -1.95 26.90 -24.28
N LEU B 58 -2.25 25.61 -24.14
CA LEU B 58 -1.39 24.69 -23.40
C LEU B 58 -1.73 23.28 -23.86
N LYS B 59 -0.87 22.35 -23.49
CA LYS B 59 -1.08 20.93 -23.78
C LYS B 59 -1.18 20.15 -22.49
N ILE B 60 -2.16 19.25 -22.42
CA ILE B 60 -2.48 18.51 -21.21
C ILE B 60 -2.15 17.04 -21.43
N CYS B 61 -1.46 16.44 -20.46
CA CYS B 61 -0.98 15.07 -20.58
C CYS B 61 -1.44 14.27 -19.37
N GLY B 62 -1.69 12.99 -19.60
CA GLY B 62 -2.15 12.07 -18.59
C GLY B 62 -1.01 11.33 -17.91
N ASP B 63 -1.29 10.09 -17.49
CA ASP B 63 -0.32 9.31 -16.75
C ASP B 63 0.92 9.04 -17.58
N ILE B 64 2.08 9.08 -16.92
CA ILE B 64 3.36 8.75 -17.54
C ILE B 64 3.94 7.47 -16.94
N HIS B 65 3.92 7.36 -15.61
CA HIS B 65 4.38 6.17 -14.88
C HIS B 65 5.78 5.75 -15.32
N GLY B 66 6.71 6.70 -15.23
CA GLY B 66 8.12 6.39 -15.41
C GLY B 66 8.53 5.87 -16.77
N GLN B 67 7.69 6.05 -17.80
CA GLN B 67 8.08 5.70 -19.17
C GLN B 67 8.78 6.91 -19.77
N TYR B 68 10.07 7.03 -19.44
CA TYR B 68 10.80 8.27 -19.71
C TYR B 68 10.92 8.54 -21.21
N TYR B 69 11.23 7.51 -22.00
CA TYR B 69 11.41 7.71 -23.43
C TYR B 69 10.09 7.98 -24.15
N ASP B 70 8.96 7.56 -23.59
CA ASP B 70 7.68 7.99 -24.12
C ASP B 70 7.41 9.46 -23.78
N LEU B 71 7.89 9.92 -22.63
CA LEU B 71 7.78 11.33 -22.28
C LEU B 71 8.59 12.20 -23.24
N LEU B 72 9.78 11.73 -23.64
CA LEU B 72 10.60 12.49 -24.57
C LEU B 72 9.91 12.60 -25.93
N ARG B 73 9.22 11.54 -26.36
CA ARG B 73 8.47 11.62 -27.61
C ARG B 73 7.28 12.56 -27.49
N LEU B 74 6.64 12.62 -26.32
CA LEU B 74 5.56 13.58 -26.12
C LEU B 74 6.07 15.00 -26.32
N PHE B 75 7.28 15.28 -25.81
CA PHE B 75 7.86 16.62 -26.00
C PHE B 75 8.34 16.81 -27.44
N GLU B 76 8.92 15.77 -28.03
CA GLU B 76 9.44 15.87 -29.39
C GLU B 76 8.33 16.20 -30.38
N TYR B 77 7.18 15.56 -30.24
CA TYR B 77 6.07 15.76 -31.17
C TYR B 77 5.15 16.91 -30.77
N GLY B 78 5.11 17.25 -29.49
CA GLY B 78 4.26 18.34 -29.03
C GLY B 78 5.01 19.65 -28.82
N GLY B 79 6.33 19.58 -28.83
CA GLY B 79 7.16 20.76 -28.62
C GLY B 79 7.81 20.81 -27.25
N PHE B 80 9.15 20.78 -27.22
CA PHE B 80 9.87 20.88 -25.96
C PHE B 80 9.68 22.27 -25.34
N PRO B 81 9.53 22.37 -24.03
CA PRO B 81 9.40 23.68 -23.38
C PRO B 81 10.61 24.54 -23.69
N PRO B 82 10.41 25.86 -23.91
CA PRO B 82 9.12 26.54 -23.82
C PRO B 82 8.43 26.76 -25.16
N GLU B 83 8.66 25.90 -26.17
CA GLU B 83 7.93 26.02 -27.42
C GLU B 83 6.43 25.92 -27.20
N SER B 84 6.01 25.09 -26.23
CA SER B 84 4.62 24.91 -25.88
CA SER B 84 4.62 24.92 -25.89
C SER B 84 4.46 25.00 -24.37
N ASN B 85 3.21 25.15 -23.94
CA ASN B 85 2.88 25.16 -22.52
C ASN B 85 2.29 23.80 -22.14
N TYR B 86 2.47 23.43 -20.88
CA TYR B 86 2.13 22.07 -20.45
C TYR B 86 1.45 22.06 -19.10
N LEU B 87 0.45 21.19 -18.96
CA LEU B 87 -0.16 20.84 -17.69
C LEU B 87 -0.24 19.33 -17.60
N PHE B 88 0.38 18.77 -16.56
CA PHE B 88 0.37 17.33 -16.35
C PHE B 88 -0.61 16.97 -15.23
N LEU B 89 -1.24 15.80 -15.36
CA LEU B 89 -2.32 15.40 -14.48
C LEU B 89 -1.91 14.33 -13.46
N GLY B 90 -0.63 14.07 -13.30
CA GLY B 90 -0.16 13.23 -12.21
C GLY B 90 0.27 11.84 -12.68
N ASP B 91 0.53 11.00 -11.69
CA ASP B 91 1.06 9.65 -11.88
C ASP B 91 2.28 9.66 -12.79
N TYR B 92 3.34 10.24 -12.26
CA TYR B 92 4.62 10.32 -12.95
C TYR B 92 5.53 9.14 -12.65
N VAL B 93 5.37 8.52 -11.48
CA VAL B 93 6.28 7.48 -11.01
C VAL B 93 5.53 6.15 -10.95
N ASP B 94 6.28 5.08 -10.66
CA ASP B 94 5.81 3.71 -10.46
C ASP B 94 5.62 2.94 -11.77
N ARG B 95 5.70 1.62 -11.68
CA ARG B 95 5.43 0.67 -12.76
C ARG B 95 6.43 0.75 -13.92
N GLY B 96 6.78 1.94 -14.35
CA GLY B 96 7.75 2.09 -15.41
C GLY B 96 9.16 1.80 -14.95
N LYS B 97 10.08 1.77 -15.93
CA LYS B 97 11.47 1.44 -15.63
C LYS B 97 12.31 2.64 -15.23
N GLN B 98 11.88 3.86 -15.58
CA GLN B 98 12.70 5.06 -15.36
C GLN B 98 11.86 6.19 -14.77
N SER B 99 11.34 5.95 -13.56
CA SER B 99 10.62 7.01 -12.85
C SER B 99 11.54 8.17 -12.50
N LEU B 100 12.79 7.89 -12.16
CA LEU B 100 13.69 8.94 -11.69
C LEU B 100 13.95 9.98 -12.78
N GLU B 101 14.34 9.53 -13.98
CA GLU B 101 14.50 10.46 -15.09
C GLU B 101 13.21 11.20 -15.39
N THR B 102 12.07 10.49 -15.31
CA THR B 102 10.78 11.11 -15.61
C THR B 102 10.47 12.25 -14.65
N ILE B 103 10.52 11.98 -13.34
CA ILE B 103 10.14 13.01 -12.37
C ILE B 103 11.17 14.13 -12.33
N CYS B 104 12.45 13.81 -12.54
CA CYS B 104 13.48 14.84 -12.48
C CYS B 104 13.34 15.83 -13.63
N LEU B 105 13.10 15.34 -14.85
CA LEU B 105 12.91 16.24 -15.98
C LEU B 105 11.71 17.15 -15.78
N LEU B 106 10.62 16.61 -15.22
CA LEU B 106 9.43 17.43 -14.98
C LEU B 106 9.69 18.50 -13.92
N LEU B 107 10.34 18.13 -12.83
CA LEU B 107 10.67 19.13 -11.81
C LEU B 107 11.65 20.17 -12.36
N ALA B 108 12.58 19.74 -13.21
CA ALA B 108 13.53 20.68 -13.79
C ALA B 108 12.82 21.71 -14.67
N TYR B 109 11.94 21.24 -15.56
CA TYR B 109 11.16 22.15 -16.38
C TYR B 109 10.27 23.05 -15.54
N LYS B 110 9.78 22.55 -14.40
CA LYS B 110 8.98 23.37 -13.51
C LYS B 110 9.78 24.54 -12.96
N ILE B 111 11.04 24.30 -12.59
CA ILE B 111 11.88 25.37 -12.07
C ILE B 111 12.30 26.30 -13.19
N LYS B 112 12.61 25.75 -14.36
CA LYS B 112 13.11 26.55 -15.47
C LYS B 112 12.03 27.46 -16.03
N TYR B 113 10.80 26.97 -16.15
CA TYR B 113 9.67 27.73 -16.68
C TYR B 113 8.50 27.68 -15.70
N PRO B 114 8.62 28.39 -14.57
CA PRO B 114 7.61 28.23 -13.51
C PRO B 114 6.22 28.72 -13.90
N GLU B 115 6.10 29.55 -14.93
CA GLU B 115 4.82 30.12 -15.31
C GLU B 115 4.31 29.56 -16.64
N ASN B 116 4.94 28.51 -17.16
CA ASN B 116 4.51 27.88 -18.40
C ASN B 116 4.53 26.35 -18.32
N PHE B 117 4.74 25.79 -17.14
CA PHE B 117 4.88 24.35 -16.96
C PHE B 117 4.24 24.02 -15.62
N PHE B 118 3.35 23.03 -15.60
CA PHE B 118 2.55 22.77 -14.41
C PHE B 118 2.35 21.28 -14.20
N LEU B 119 2.40 20.87 -12.94
CA LEU B 119 2.30 19.46 -12.55
C LEU B 119 1.27 19.34 -11.44
N LEU B 120 0.27 18.49 -11.67
CA LEU B 120 -0.73 18.18 -10.65
C LEU B 120 -0.36 16.88 -9.94
N ARG B 121 -0.97 16.68 -8.77
CA ARG B 121 -0.67 15.52 -7.95
C ARG B 121 -1.56 14.36 -8.36
N GLY B 122 -0.94 13.20 -8.61
CA GLY B 122 -1.68 11.97 -8.84
C GLY B 122 -1.66 11.09 -7.59
N ASN B 123 -2.49 10.04 -7.63
CA ASN B 123 -2.58 9.16 -6.47
C ASN B 123 -1.29 8.38 -6.23
N HIS B 124 -0.39 8.34 -7.21
CA HIS B 124 0.91 7.69 -7.02
C HIS B 124 1.99 8.63 -6.51
N GLU B 125 1.74 9.94 -6.48
CA GLU B 125 2.66 10.89 -5.84
C GLU B 125 2.34 10.94 -4.35
N CYS B 126 2.47 9.76 -3.72
CA CYS B 126 2.04 9.52 -2.35
C CYS B 126 2.90 8.40 -1.80
N ALA B 127 3.45 8.61 -0.61
CA ALA B 127 4.48 7.72 -0.09
C ALA B 127 3.95 6.30 0.10
N SER B 128 2.73 6.16 0.62
CA SER B 128 2.21 4.83 0.89
C SER B 128 1.86 4.05 -0.37
N ILE B 129 1.80 4.71 -1.51
CA ILE B 129 1.57 4.03 -2.79
C ILE B 129 2.89 3.73 -3.52
N ASN B 130 3.74 4.75 -3.72
CA ASN B 130 4.94 4.51 -4.52
C ASN B 130 6.04 3.78 -3.76
N ARG B 131 5.86 3.55 -2.46
CA ARG B 131 6.74 2.62 -1.77
C ARG B 131 6.56 1.20 -2.29
N ILE B 132 5.40 0.89 -2.83
CA ILE B 132 5.05 -0.47 -3.22
C ILE B 132 5.17 -0.68 -4.72
N TYR B 133 4.75 0.28 -5.52
CA TYR B 133 4.58 0.06 -6.95
C TYR B 133 5.80 0.43 -7.79
N GLY B 134 6.96 0.64 -7.17
CA GLY B 134 8.17 0.78 -7.96
C GLY B 134 9.10 1.92 -7.66
N PHE B 135 8.57 3.11 -7.35
CA PHE B 135 9.44 4.28 -7.21
C PHE B 135 10.42 4.13 -6.07
N TYR B 136 9.98 3.57 -4.94
CA TYR B 136 10.88 3.38 -3.81
C TYR B 136 12.01 2.42 -4.15
N ASP B 137 11.68 1.30 -4.80
CA ASP B 137 12.71 0.35 -5.20
C ASP B 137 13.71 0.98 -6.16
N GLU B 138 13.26 1.90 -7.00
CA GLU B 138 14.16 2.61 -7.91
C GLU B 138 15.06 3.56 -7.14
N CYS B 139 14.52 4.23 -6.12
CA CYS B 139 15.33 5.13 -5.30
C CYS B 139 16.36 4.36 -4.47
N LYS B 140 15.99 3.20 -3.94
CA LYS B 140 16.95 2.40 -3.17
C LYS B 140 18.06 1.86 -4.06
N ARG B 141 17.72 1.37 -5.24
CA ARG B 141 18.71 0.75 -6.11
C ARG B 141 19.71 1.77 -6.63
N ARG B 142 19.22 2.91 -7.12
CA ARG B 142 20.07 3.88 -7.77
C ARG B 142 20.55 4.99 -6.84
N TYR B 143 19.93 5.16 -5.68
CA TYR B 143 20.35 6.18 -4.73
C TYR B 143 20.26 5.66 -3.30
N ASN B 144 19.33 6.21 -2.51
CA ASN B 144 19.19 5.78 -1.13
C ASN B 144 17.80 6.14 -0.62
N ILE B 145 17.48 5.60 0.56
CA ILE B 145 16.17 5.82 1.18
C ILE B 145 15.97 7.30 1.50
N LYS B 146 17.04 8.00 1.87
CA LYS B 146 16.92 9.41 2.25
C LYS B 146 16.40 10.25 1.08
N LEU B 147 16.83 9.93 -0.15
CA LEU B 147 16.37 10.66 -1.31
C LEU B 147 14.90 10.38 -1.60
N TRP B 148 14.44 9.16 -1.31
CA TRP B 148 13.03 8.84 -1.51
C TRP B 148 12.13 9.67 -0.59
N LYS B 149 12.54 9.82 0.67
CA LYS B 149 11.77 10.64 1.61
C LYS B 149 11.82 12.11 1.24
N THR B 150 12.91 12.55 0.59
CA THR B 150 12.97 13.89 0.04
C THR B 150 11.93 14.06 -1.07
N PHE B 151 11.78 13.05 -1.92
CA PHE B 151 10.73 13.08 -2.93
C PHE B 151 9.35 13.14 -2.28
N THR B 152 9.16 12.39 -1.19
CA THR B 152 7.87 12.39 -0.50
C THR B 152 7.52 13.79 0.00
N ASP B 153 8.49 14.48 0.60
CA ASP B 153 8.25 15.84 1.08
C ASP B 153 7.94 16.79 -0.06
N CYS B 154 8.54 16.56 -1.24
CA CYS B 154 8.21 17.37 -2.40
C CYS B 154 6.82 17.05 -2.94
N PHE B 155 6.49 15.76 -3.06
CA PHE B 155 5.20 15.35 -3.60
C PHE B 155 4.04 15.85 -2.75
N ASN B 156 4.24 15.99 -1.44
CA ASN B 156 3.18 16.43 -0.55
C ASN B 156 2.78 17.88 -0.76
N CYS B 157 3.43 18.61 -1.66
CA CYS B 157 3.13 20.01 -1.92
C CYS B 157 2.61 20.26 -3.34
N LEU B 158 2.41 19.20 -4.12
CA LEU B 158 1.91 19.38 -5.48
C LEU B 158 0.49 19.94 -5.47
N PRO B 159 0.14 20.77 -6.46
CA PRO B 159 -1.25 21.19 -6.60
C PRO B 159 -2.14 20.03 -7.01
N ILE B 160 -3.43 20.19 -6.75
CA ILE B 160 -4.39 19.09 -6.85
C ILE B 160 -5.31 19.24 -8.07
N ALA B 161 -5.68 20.47 -8.42
CA ALA B 161 -6.57 20.67 -9.55
C ALA B 161 -6.19 21.96 -10.28
N ALA B 162 -6.61 22.02 -11.54
CA ALA B 162 -6.37 23.19 -12.38
C ALA B 162 -7.62 23.46 -13.21
N ILE B 163 -7.87 24.74 -13.47
CA ILE B 163 -8.98 25.18 -14.30
C ILE B 163 -8.44 26.10 -15.38
N VAL B 164 -8.64 25.73 -16.64
CA VAL B 164 -8.12 26.46 -17.78
C VAL B 164 -9.22 27.37 -18.31
N ASP B 165 -9.02 28.68 -18.16
CA ASP B 165 -9.94 29.71 -18.67
C ASP B 165 -11.37 29.49 -18.14
N GLU B 166 -11.49 28.97 -16.92
CA GLU B 166 -12.76 28.80 -16.21
C GLU B 166 -13.77 27.97 -16.99
N LYS B 167 -13.29 27.09 -17.87
CA LYS B 167 -14.15 26.22 -18.65
CA LYS B 167 -14.15 26.22 -18.65
C LYS B 167 -13.68 24.77 -18.72
N ILE B 168 -12.44 24.48 -18.31
CA ILE B 168 -11.92 23.11 -18.33
C ILE B 168 -11.39 22.82 -16.93
N PHE B 169 -12.05 21.90 -16.23
CA PHE B 169 -11.63 21.50 -14.88
C PHE B 169 -10.74 20.26 -14.98
N CYS B 170 -9.58 20.33 -14.33
CA CYS B 170 -8.54 19.32 -14.47
C CYS B 170 -8.14 18.76 -13.11
N CYS B 171 -8.06 17.44 -13.03
CA CYS B 171 -7.54 16.75 -11.86
C CYS B 171 -7.17 15.34 -12.30
N HIS B 172 -6.49 14.62 -11.40
CA HIS B 172 -6.03 13.28 -11.76
C HIS B 172 -7.18 12.28 -11.77
N GLY B 173 -7.94 12.22 -10.67
CA GLY B 173 -9.01 11.24 -10.57
C GLY B 173 -10.32 11.73 -11.16
N GLY B 174 -11.11 12.45 -10.37
CA GLY B 174 -12.37 12.94 -10.84
C GLY B 174 -13.11 13.74 -9.79
N LEU B 175 -14.43 13.78 -9.92
CA LEU B 175 -15.25 14.58 -9.03
C LEU B 175 -15.35 13.94 -7.65
N SER B 176 -15.83 14.73 -6.69
CA SER B 176 -16.04 14.26 -5.33
C SER B 176 -17.45 14.62 -4.86
N PRO B 177 -18.11 13.73 -4.10
CA PRO B 177 -19.39 14.10 -3.50
C PRO B 177 -19.28 15.21 -2.46
N ASP B 178 -18.07 15.52 -1.99
CA ASP B 178 -17.85 16.59 -1.02
C ASP B 178 -17.41 17.89 -1.67
N LEU B 179 -17.56 18.02 -2.99
CA LEU B 179 -17.12 19.21 -3.72
C LEU B 179 -18.36 20.00 -4.17
N GLN B 180 -18.72 21.02 -3.39
CA GLN B 180 -19.78 21.96 -3.77
C GLN B 180 -19.22 23.27 -4.31
N SER B 181 -18.14 23.77 -3.71
CA SER B 181 -17.51 25.02 -4.10
C SER B 181 -16.02 24.78 -4.31
N MET B 182 -15.46 25.46 -5.32
CA MET B 182 -14.02 25.37 -5.58
C MET B 182 -13.20 25.87 -4.40
N GLU B 183 -13.80 26.66 -3.51
CA GLU B 183 -13.07 27.16 -2.34
C GLU B 183 -12.61 26.03 -1.43
N GLN B 184 -13.34 24.91 -1.41
CA GLN B 184 -12.93 23.76 -0.62
C GLN B 184 -11.60 23.21 -1.09
N ILE B 185 -11.29 23.35 -2.38
CA ILE B 185 -9.98 22.92 -2.88
C ILE B 185 -8.89 23.88 -2.44
N ARG B 186 -9.12 25.20 -2.63
CA ARG B 186 -8.10 26.18 -2.26
C ARG B 186 -7.82 26.23 -0.77
N ARG B 187 -8.73 25.74 0.08
CA ARG B 187 -8.49 25.79 1.51
C ARG B 187 -7.66 24.63 2.01
N ILE B 188 -7.38 23.64 1.15
CA ILE B 188 -6.55 22.51 1.55
C ILE B 188 -5.13 22.98 1.84
N MET B 189 -4.64 22.64 3.03
CA MET B 189 -3.31 23.09 3.47
C MET B 189 -2.24 22.11 3.01
N ARG B 190 -1.11 22.67 2.58
CA ARG B 190 0.05 21.91 2.13
C ARG B 190 1.24 22.20 3.05
N PRO B 191 2.14 21.21 3.27
CA PRO B 191 2.14 19.86 2.70
C PRO B 191 1.13 18.92 3.33
N THR B 192 0.70 17.90 2.59
CA THR B 192 -0.26 16.94 3.10
C THR B 192 -0.09 15.61 2.40
N ASP B 193 -0.38 14.53 3.13
CA ASP B 193 -0.53 13.21 2.52
C ASP B 193 -1.90 13.11 1.87
N VAL B 194 -2.10 12.04 1.12
CA VAL B 194 -3.40 11.73 0.51
C VAL B 194 -4.19 10.91 1.51
N PRO B 195 -5.29 11.42 2.07
CA PRO B 195 -6.07 10.65 3.03
C PRO B 195 -6.77 9.48 2.35
N ASP B 196 -7.24 8.55 3.17
CA ASP B 196 -7.93 7.38 2.64
C ASP B 196 -9.34 7.68 2.14
N GLN B 197 -9.86 8.88 2.43
CA GLN B 197 -11.19 9.28 1.99
C GLN B 197 -11.28 10.79 2.14
N GLY B 198 -12.29 11.35 1.50
CA GLY B 198 -12.53 12.78 1.54
C GLY B 198 -12.28 13.44 0.20
N LEU B 199 -12.35 14.77 0.22
CA LEU B 199 -12.25 15.55 -1.01
C LEU B 199 -10.92 15.32 -1.71
N LEU B 200 -9.81 15.44 -0.95
CA LEU B 200 -8.48 15.27 -1.56
C LEU B 200 -8.30 13.87 -2.13
N CYS B 201 -8.71 12.85 -1.38
CA CYS B 201 -8.63 11.48 -1.90
C CYS B 201 -9.44 11.32 -3.18
N ASP B 202 -10.71 11.74 -3.15
CA ASP B 202 -11.57 11.56 -4.32
C ASP B 202 -11.01 12.27 -5.55
N LEU B 203 -10.46 13.46 -5.36
CA LEU B 203 -9.88 14.20 -6.48
C LEU B 203 -8.75 13.44 -7.14
N LEU B 204 -8.12 12.51 -6.42
CA LEU B 204 -6.99 11.75 -6.92
C LEU B 204 -7.32 10.29 -7.22
N TRP B 205 -8.55 9.83 -6.93
CA TRP B 205 -8.83 8.40 -6.99
C TRP B 205 -10.09 8.02 -7.77
N SER B 206 -11.09 8.90 -7.84
CA SER B 206 -12.40 8.52 -8.35
C SER B 206 -12.39 8.37 -9.88
N ASP B 207 -13.42 7.69 -10.38
CA ASP B 207 -13.58 7.37 -11.79
C ASP B 207 -15.00 7.66 -12.25
N PRO B 208 -15.19 7.95 -13.54
CA PRO B 208 -16.54 7.95 -14.10
C PRO B 208 -16.99 6.54 -14.47
N ASP B 209 -18.29 6.30 -14.29
CA ASP B 209 -18.89 5.02 -14.65
C ASP B 209 -20.20 5.28 -15.39
N LYS B 210 -20.32 4.72 -16.60
CA LYS B 210 -21.51 4.89 -17.41
C LYS B 210 -22.72 4.13 -16.89
N ASP B 211 -22.53 3.23 -15.93
CA ASP B 211 -23.60 2.35 -15.45
C ASP B 211 -24.09 2.71 -14.06
N VAL B 212 -23.60 3.80 -13.47
CA VAL B 212 -24.01 4.20 -12.13
C VAL B 212 -24.89 5.44 -12.23
N GLN B 213 -25.88 5.51 -11.35
CA GLN B 213 -26.74 6.68 -11.21
C GLN B 213 -26.35 7.38 -9.92
N GLY B 214 -25.73 8.54 -10.04
CA GLY B 214 -25.20 9.23 -8.88
C GLY B 214 -23.84 8.68 -8.51
N TRP B 215 -23.63 8.42 -7.23
CA TRP B 215 -22.35 7.96 -6.70
C TRP B 215 -22.42 6.49 -6.33
N GLY B 216 -21.38 5.74 -6.70
CA GLY B 216 -21.29 4.33 -6.38
C GLY B 216 -19.92 3.99 -5.82
N GLU B 217 -19.81 2.75 -5.32
CA GLU B 217 -18.56 2.27 -4.75
C GLU B 217 -17.58 1.89 -5.86
N ASN B 218 -16.33 2.30 -5.68
CA ASN B 218 -15.28 2.09 -6.68
C ASN B 218 -14.64 0.71 -6.51
N ASP B 219 -14.44 0.02 -7.63
CA ASP B 219 -13.81 -1.30 -7.61
C ASP B 219 -12.39 -1.27 -7.09
N ARG B 220 -11.74 -0.10 -7.10
CA ARG B 220 -10.38 0.01 -6.58
C ARG B 220 -10.30 -0.24 -5.08
N GLY B 221 -11.43 -0.15 -4.37
CA GLY B 221 -11.43 -0.17 -2.93
C GLY B 221 -11.20 1.19 -2.29
N VAL B 222 -11.09 2.23 -3.10
CA VAL B 222 -10.86 3.60 -2.63
C VAL B 222 -11.80 4.52 -3.41
N SER B 223 -12.33 5.53 -2.73
CA SER B 223 -13.12 6.61 -3.35
C SER B 223 -14.40 6.02 -3.95
N PHE B 224 -14.90 6.65 -5.02
CA PHE B 224 -16.24 6.37 -5.54
C PHE B 224 -16.20 6.39 -7.06
N THR B 225 -17.34 6.08 -7.67
CA THR B 225 -17.61 6.35 -9.07
C THR B 225 -18.73 7.38 -9.19
N PHE B 226 -18.76 8.05 -10.34
CA PHE B 226 -19.82 9.02 -10.63
C PHE B 226 -20.31 8.81 -12.04
N GLY B 227 -21.58 9.19 -12.28
CA GLY B 227 -22.22 8.96 -13.55
C GLY B 227 -22.32 10.22 -14.41
N ALA B 228 -22.94 10.04 -15.58
CA ALA B 228 -23.05 11.14 -16.55
C ALA B 228 -23.85 12.31 -15.99
N GLU B 229 -24.80 12.04 -15.11
CA GLU B 229 -25.63 13.11 -14.55
C GLU B 229 -24.86 13.93 -13.53
N VAL B 230 -23.93 13.31 -12.80
CA VAL B 230 -23.13 14.04 -11.83
C VAL B 230 -22.25 15.08 -12.52
N VAL B 231 -21.63 14.72 -13.65
CA VAL B 231 -20.77 15.67 -14.34
C VAL B 231 -21.61 16.79 -14.97
N ALA B 232 -22.81 16.45 -15.48
CA ALA B 232 -23.66 17.46 -16.08
C ALA B 232 -24.11 18.49 -15.06
N LYS B 233 -24.45 18.04 -13.85
CA LYS B 233 -24.83 18.96 -12.79
C LYS B 233 -23.65 19.80 -12.35
N PHE B 234 -22.46 19.18 -12.28
CA PHE B 234 -21.25 19.90 -11.88
C PHE B 234 -20.89 20.99 -12.87
N LEU B 235 -20.92 20.67 -14.16
CA LEU B 235 -20.55 21.65 -15.18
C LEU B 235 -21.48 22.85 -15.16
N HIS B 236 -22.78 22.61 -14.95
CA HIS B 236 -23.74 23.71 -14.94
C HIS B 236 -23.59 24.58 -13.68
N LYS B 237 -23.38 23.95 -12.53
CA LYS B 237 -23.30 24.71 -11.28
C LYS B 237 -22.08 25.63 -11.26
N HIS B 238 -21.00 25.23 -11.92
CA HIS B 238 -19.75 26.01 -11.90
C HIS B 238 -19.41 26.61 -13.27
N ASP B 239 -20.35 26.60 -14.21
CA ASP B 239 -20.19 27.25 -15.51
C ASP B 239 -18.95 26.72 -16.25
N LEU B 240 -18.77 25.41 -16.24
CA LEU B 240 -17.67 24.76 -16.91
C LEU B 240 -18.17 24.04 -18.16
N ASP B 241 -17.25 23.80 -19.10
CA ASP B 241 -17.59 23.13 -20.34
C ASP B 241 -17.06 21.70 -20.42
N LEU B 242 -15.99 21.36 -19.70
CA LEU B 242 -15.35 20.07 -19.87
C LEU B 242 -14.60 19.70 -18.60
N ILE B 243 -14.58 18.40 -18.31
CA ILE B 243 -13.77 17.82 -17.24
CA ILE B 243 -13.78 17.81 -17.24
C ILE B 243 -12.64 17.04 -17.88
N CYS B 244 -11.41 17.40 -17.55
CA CYS B 244 -10.22 16.75 -18.09
C CYS B 244 -9.55 15.98 -16.97
N ARG B 245 -9.38 14.67 -17.17
CA ARG B 245 -8.84 13.78 -16.14
C ARG B 245 -7.95 12.73 -16.78
N ALA B 246 -7.35 11.91 -15.94
CA ALA B 246 -6.52 10.79 -16.38
C ALA B 246 -6.93 9.52 -15.64
N HIS B 247 -5.97 8.88 -14.98
CA HIS B 247 -6.21 7.88 -13.94
C HIS B 247 -6.73 6.53 -14.47
N GLN B 248 -7.09 6.45 -15.76
CA GLN B 248 -7.54 5.21 -16.34
C GLN B 248 -6.96 5.03 -17.72
N VAL B 249 -6.50 3.82 -18.01
CA VAL B 249 -5.95 3.53 -19.34
C VAL B 249 -7.08 3.41 -20.34
N VAL B 250 -6.93 4.08 -21.48
CA VAL B 250 -7.93 4.07 -22.55
C VAL B 250 -7.21 3.76 -23.85
N GLU B 251 -7.85 2.92 -24.69
CA GLU B 251 -7.13 2.29 -25.79
C GLU B 251 -6.64 3.30 -26.83
N ASP B 252 -7.37 4.39 -27.03
CA ASP B 252 -7.00 5.39 -28.02
C ASP B 252 -6.21 6.55 -27.42
N GLY B 253 -5.82 6.45 -26.15
CA GLY B 253 -5.13 7.50 -25.46
C GLY B 253 -6.06 8.53 -24.85
N TYR B 254 -7.22 8.74 -25.47
CA TYR B 254 -8.27 9.61 -24.94
C TYR B 254 -9.60 8.87 -25.04
N GLU B 255 -10.55 9.30 -24.21
CA GLU B 255 -11.86 8.65 -24.19
C GLU B 255 -12.87 9.63 -23.59
N PHE B 256 -13.90 9.94 -24.36
CA PHE B 256 -14.93 10.85 -23.89
C PHE B 256 -15.90 10.14 -22.95
N PHE B 257 -16.55 10.94 -22.11
CA PHE B 257 -17.56 10.44 -21.19
C PHE B 257 -18.66 11.50 -21.09
N ALA B 258 -19.92 11.03 -21.14
CA ALA B 258 -21.09 11.89 -20.96
C ALA B 258 -21.15 13.00 -22.00
N LYS B 259 -21.17 12.60 -23.27
CA LYS B 259 -21.38 13.51 -24.39
C LYS B 259 -20.34 14.63 -24.42
N ARG B 260 -19.06 14.25 -24.40
CA ARG B 260 -17.93 15.18 -24.45
C ARG B 260 -17.92 16.18 -23.29
N GLN B 261 -18.60 15.86 -22.18
CA GLN B 261 -18.54 16.68 -20.98
C GLN B 261 -17.39 16.29 -20.06
N LEU B 262 -16.78 15.13 -20.28
CA LEU B 262 -15.61 14.69 -19.53
C LEU B 262 -14.72 13.90 -20.49
N VAL B 263 -13.41 14.09 -20.36
CA VAL B 263 -12.45 13.39 -21.19
C VAL B 263 -11.38 12.77 -20.28
N THR B 264 -10.99 11.55 -20.59
CA THR B 264 -9.92 10.84 -19.88
C THR B 264 -8.70 10.80 -20.78
N LEU B 265 -7.57 11.25 -20.24
CA LEU B 265 -6.30 11.28 -20.97
C LEU B 265 -5.33 10.26 -20.39
N PHE B 266 -4.64 9.54 -21.26
CA PHE B 266 -3.60 8.60 -20.85
C PHE B 266 -2.46 8.72 -21.85
N SER B 267 -1.28 9.10 -21.37
CA SER B 267 -0.18 9.49 -22.25
C SER B 267 0.95 8.46 -22.31
N ALA B 268 0.81 7.31 -21.67
CA ALA B 268 1.84 6.28 -21.73
C ALA B 268 1.45 5.17 -22.70
N PRO B 269 2.02 5.13 -23.90
CA PRO B 269 1.67 4.06 -24.84
C PRO B 269 2.21 2.71 -24.39
N ASN B 270 1.49 1.66 -24.76
CA ASN B 270 1.81 0.29 -24.38
C ASN B 270 2.12 0.19 -22.88
N TYR B 271 1.10 0.54 -22.09
CA TYR B 271 1.19 0.66 -20.64
C TYR B 271 1.86 -0.55 -20.00
N CYS B 272 3.04 -0.35 -19.43
CA CYS B 272 3.89 -1.36 -18.79
C CYS B 272 3.88 -2.70 -19.53
N GLY B 273 3.92 -2.65 -20.86
CA GLY B 273 3.96 -3.86 -21.68
C GLY B 273 2.81 -4.82 -21.47
N GLU B 274 1.69 -4.35 -20.93
CA GLU B 274 0.52 -5.20 -20.69
C GLU B 274 -0.68 -4.81 -21.54
N PHE B 275 -0.67 -3.64 -22.15
CA PHE B 275 -1.76 -3.16 -22.99
C PHE B 275 -1.20 -2.80 -24.36
N ASP B 276 -2.09 -2.76 -25.35
CA ASP B 276 -1.76 -2.29 -26.69
C ASP B 276 -2.43 -0.94 -26.97
N ASN B 277 -2.42 -0.06 -25.99
CA ASN B 277 -3.07 1.23 -26.11
C ASN B 277 -2.11 2.27 -26.68
N ALA B 278 -2.69 3.35 -27.19
CA ALA B 278 -1.93 4.51 -27.61
C ALA B 278 -1.89 5.54 -26.48
N GLY B 279 -1.04 6.55 -26.67
CA GLY B 279 -0.95 7.67 -25.74
C GLY B 279 -1.41 8.94 -26.44
N ALA B 280 -2.25 9.71 -25.75
CA ALA B 280 -2.80 10.93 -26.31
C ALA B 280 -2.46 12.13 -25.43
N MET B 281 -2.52 13.30 -26.06
CA MET B 281 -2.23 14.57 -25.43
C MET B 281 -3.19 15.58 -26.03
N MET B 282 -3.96 16.27 -25.19
CA MET B 282 -5.01 17.16 -25.67
C MET B 282 -4.47 18.57 -25.78
N SER B 283 -4.37 19.07 -27.00
CA SER B 283 -3.96 20.44 -27.26
C SER B 283 -5.20 21.33 -27.25
N VAL B 284 -5.12 22.43 -26.50
CA VAL B 284 -6.16 23.45 -26.46
C VAL B 284 -5.51 24.77 -26.84
N ASP B 285 -6.01 25.39 -27.90
CA ASP B 285 -5.45 26.63 -28.40
C ASP B 285 -6.10 27.80 -27.67
N GLU B 286 -5.79 29.03 -28.10
CA GLU B 286 -6.21 30.22 -27.36
C GLU B 286 -7.72 30.37 -27.29
N THR B 287 -8.47 29.76 -28.22
CA THR B 287 -9.92 29.85 -28.25
C THR B 287 -10.60 28.71 -27.49
N LEU B 288 -9.85 27.92 -26.72
CA LEU B 288 -10.37 26.73 -26.05
C LEU B 288 -10.86 25.70 -27.06
N MET B 289 -10.25 25.71 -28.24
CA MET B 289 -10.46 24.66 -29.24
C MET B 289 -9.54 23.49 -28.93
N CYS B 290 -10.13 22.33 -28.66
CA CYS B 290 -9.40 21.17 -28.16
C CYS B 290 -9.27 20.11 -29.24
N SER B 291 -8.03 19.64 -29.44
CA SER B 291 -7.74 18.53 -30.34
C SER B 291 -6.81 17.57 -29.63
N PHE B 292 -6.61 16.40 -30.22
CA PHE B 292 -5.80 15.34 -29.63
C PHE B 292 -4.62 15.02 -30.54
N GLN B 293 -3.42 15.00 -29.95
CA GLN B 293 -2.24 14.46 -30.61
C GLN B 293 -2.00 13.07 -30.01
N ILE B 294 -2.03 12.06 -30.87
CA ILE B 294 -2.03 10.66 -30.45
C ILE B 294 -0.68 10.04 -30.77
N LEU B 295 -0.11 9.31 -29.80
CA LEU B 295 1.14 8.58 -29.99
C LEU B 295 0.83 7.09 -29.94
N LYS B 296 1.23 6.36 -30.99
CA LYS B 296 0.90 4.95 -31.11
C LYS B 296 2.02 4.23 -31.84
N PRO B 297 2.38 3.02 -31.41
CA PRO B 297 3.42 2.20 -32.06
C PRO B 297 3.01 1.72 -33.45
N LYS C 4 -10.51 -23.53 31.94
CA LYS C 4 -9.12 -23.96 31.79
C LYS C 4 -8.29 -22.91 31.07
N GLY C 5 -8.73 -21.65 31.14
CA GLY C 5 -8.15 -20.58 30.35
C GLY C 5 -6.79 -20.10 30.86
N ILE C 6 -6.10 -19.35 30.00
CA ILE C 6 -4.74 -18.90 30.23
C ILE C 6 -4.62 -17.38 30.16
N LEU C 7 -5.73 -16.66 30.22
CA LEU C 7 -5.73 -15.20 30.15
C LEU C 7 -5.71 -14.63 31.57
N LYS C 8 -4.66 -13.90 31.90
CA LYS C 8 -4.53 -13.33 33.24
C LYS C 8 -5.32 -12.03 33.34
N ASN C 9 -5.93 -11.82 34.51
CA ASN C 9 -6.70 -10.61 34.77
C ASN C 9 -5.96 -9.69 35.74
N ARG C 19 7.54 -17.38 39.66
CA ARG C 19 8.55 -16.69 38.85
C ARG C 19 9.30 -17.69 38.01
N LYS C 20 9.04 -17.70 36.70
CA LYS C 20 9.59 -18.68 35.79
C LYS C 20 10.73 -18.09 34.98
N THR C 21 11.50 -18.97 34.34
CA THR C 21 12.61 -18.57 33.49
C THR C 21 12.58 -19.39 32.21
N VAL C 22 12.81 -18.71 31.08
CA VAL C 22 12.88 -19.39 29.80
C VAL C 22 14.11 -20.30 29.76
N THR C 23 13.92 -21.53 29.27
CA THR C 23 15.00 -22.49 29.14
C THR C 23 14.86 -23.22 27.81
N TRP C 24 15.95 -23.84 27.38
CA TRP C 24 15.97 -24.63 26.16
C TRP C 24 16.49 -26.02 26.46
N PRO C 25 16.00 -27.05 25.76
CA PRO C 25 16.44 -28.41 26.03
C PRO C 25 17.81 -28.67 25.42
N GLU C 26 18.35 -29.86 25.71
CA GLU C 26 19.57 -30.31 25.07
C GLU C 26 19.41 -30.26 23.56
N GLU C 27 20.46 -29.81 22.86
CA GLU C 27 20.36 -29.48 21.45
C GLU C 27 19.75 -30.60 20.61
N GLY C 28 19.86 -31.86 21.07
CA GLY C 28 19.20 -32.94 20.36
C GLY C 28 17.69 -32.88 20.38
N LYS C 29 17.12 -32.35 21.47
CA LYS C 29 15.67 -32.28 21.64
C LYS C 29 15.11 -30.89 21.40
N LEU C 30 15.83 -30.05 20.65
CA LEU C 30 15.35 -28.70 20.38
C LEU C 30 14.32 -28.68 19.26
N ARG C 31 14.57 -29.40 18.17
CA ARG C 31 13.69 -29.43 17.02
CA ARG C 31 13.71 -29.44 17.00
C ARG C 31 12.97 -30.77 16.93
N GLU C 32 11.71 -30.72 16.51
CA GLU C 32 10.91 -31.91 16.22
C GLU C 32 10.32 -31.76 14.83
N TYR C 33 10.62 -32.69 13.94
CA TYR C 33 10.34 -32.53 12.52
C TYR C 33 9.05 -33.25 12.12
N PHE C 34 8.32 -32.63 11.20
CA PHE C 34 7.11 -33.20 10.62
C PHE C 34 7.18 -33.00 9.11
N TYR C 35 7.23 -34.10 8.37
CA TYR C 35 7.33 -34.07 6.92
C TYR C 35 6.00 -34.46 6.29
N PHE C 36 5.65 -33.79 5.19
CA PHE C 36 4.38 -34.02 4.52
C PHE C 36 4.60 -34.06 3.01
N GLU C 37 3.68 -34.73 2.31
CA GLU C 37 3.76 -34.85 0.86
C GLU C 37 3.14 -33.62 0.21
N LEU C 38 3.90 -32.98 -0.67
CA LEU C 38 3.50 -31.74 -1.31
C LEU C 38 2.82 -31.97 -2.65
N LYS D 4 5.25 35.91 -21.11
CA LYS D 4 4.74 34.75 -21.84
C LYS D 4 3.97 33.82 -20.89
N GLY D 5 3.99 34.16 -19.60
CA GLY D 5 3.40 33.28 -18.60
C GLY D 5 1.90 33.14 -18.76
N ILE D 6 1.38 32.02 -18.24
CA ILE D 6 -0.04 31.69 -18.36
C ILE D 6 -0.64 31.34 -17.01
N LEU D 7 -0.09 31.91 -15.93
CA LEU D 7 -0.62 31.73 -14.59
C LEU D 7 -1.36 32.99 -14.16
N LYS D 8 -2.63 32.84 -13.81
CA LYS D 8 -3.45 33.98 -13.41
C LYS D 8 -3.21 34.38 -11.96
N LYS D 20 -13.94 31.70 -25.06
CA LYS D 20 -14.17 31.29 -23.67
C LYS D 20 -15.18 30.15 -23.60
N THR D 21 -15.23 29.35 -24.68
CA THR D 21 -16.08 28.17 -24.74
C THR D 21 -15.36 27.06 -25.49
N VAL D 22 -15.46 25.84 -24.97
CA VAL D 22 -14.77 24.70 -25.56
C VAL D 22 -15.45 24.33 -26.88
N THR D 23 -14.64 24.10 -27.91
CA THR D 23 -15.14 23.70 -29.22
C THR D 23 -14.26 22.59 -29.77
N TRP D 24 -14.83 21.78 -30.66
CA TRP D 24 -14.15 20.64 -31.26
C TRP D 24 -14.14 20.78 -32.78
N PRO D 25 -13.14 20.25 -33.44
CA PRO D 25 -13.06 20.34 -34.91
C PRO D 25 -14.00 19.34 -35.57
N GLU D 26 -14.03 19.40 -36.91
CA GLU D 26 -14.66 18.33 -37.67
C GLU D 26 -13.91 17.02 -37.43
N GLU D 27 -14.63 15.91 -37.62
CA GLU D 27 -14.08 14.61 -37.22
C GLU D 27 -12.78 14.26 -37.95
N GLY D 28 -12.54 14.86 -39.12
CA GLY D 28 -11.30 14.60 -39.84
C GLY D 28 -10.08 15.27 -39.26
N LYS D 29 -10.26 16.22 -38.34
CA LYS D 29 -9.14 16.96 -37.76
C LYS D 29 -9.15 16.89 -36.24
N LEU D 30 -9.71 15.82 -35.67
CA LEU D 30 -9.77 15.67 -34.22
C LEU D 30 -8.53 14.96 -33.67
N ARG D 31 -8.05 13.94 -34.36
CA ARG D 31 -6.98 13.08 -33.87
C ARG D 31 -5.79 13.16 -34.81
N GLU D 32 -4.79 13.96 -34.46
CA GLU D 32 -3.53 14.00 -35.18
C GLU D 32 -2.61 12.91 -34.65
N TYR D 33 -2.12 12.07 -35.56
CA TYR D 33 -1.40 10.86 -35.19
C TYR D 33 0.11 11.07 -35.20
N PHE D 34 0.78 10.41 -34.25
CA PHE D 34 2.24 10.43 -34.13
C PHE D 34 2.71 9.00 -33.87
N TYR D 35 3.66 8.54 -34.67
CA TYR D 35 4.18 7.18 -34.57
C TYR D 35 5.64 7.21 -34.15
N PHE D 36 6.22 6.03 -34.00
CA PHE D 36 7.63 5.89 -33.64
C PHE D 36 8.15 4.48 -33.92
#